data_6LPQ
#
_entry.id   6LPQ
#
_cell.length_a   72.615
_cell.length_b   94.569
_cell.length_c   73.673
_cell.angle_alpha   90.000
_cell.angle_beta   111.550
_cell.angle_gamma   90.000
#
_symmetry.space_group_name_H-M   'P 1 21 1'
#
loop_
_entity.id
_entity.type
_entity.pdbx_description
1 polymer 'D-2-hydroxyglutarate dehydrogenase, mitochondrial'
2 non-polymer 'FLAVIN-ADENINE DINUCLEOTIDE'
3 non-polymer 'ZINC ION'
4 non-polymer D-MALATE
#
_entity_poly.entity_id   1
_entity_poly.type   'polypeptide(L)'
_entity_poly.pdbx_seq_one_letter_code
;GPGSRYPVRRLPFSTVSKQDLAAFERIVPGGVVTDPEALQAPNVDWLRTLRGCSKVLLRPRTSEEVSHILRHCHERNLAV
NPQGGNTGMVGGSVPVFDEIILSTARMNRVLSFHSVSGILVCQAGCVLEELSRYVEERDFIMPLDLGAKGSCHIGGNVAT
NAGGLRFLRYGSLHGTVLGLEVVLADGTVLDCLTSLRKDNTGYDLKQLFIGSEGTLGIITTVSILCPPKPRAVNVAFLGC
PGFAEVLQTFSTCKGMLGEILSAFEFMDAVCMQLVGRHLHLASPVQESPFYVLIETSGSNAGHDAEKLGHFLEHALGSGL
VTDGTMATDQRKVKMLWALRERITEALSRDGYVYKYDLSLPVERLYDIVTDLRARLGPHAKHVVGYGHLGDGNLHLNVTA
EAFSPSLLAALEPHVYEWTAGQQGSVSAEHGVGFRKRDVLGYSKPPGALQLMQQLKALLDPKGILNPYKTLPSQAHHHHH
H
;
_entity_poly.pdbx_strand_id   A,B
#
loop_
_chem_comp.id
_chem_comp.type
_chem_comp.name
_chem_comp.formula
FAD non-polymer 'FLAVIN-ADENINE DINUCLEOTIDE' 'C27 H33 N9 O15 P2'
MLT non-polymer D-MALATE 'C4 H6 O5'
ZN non-polymer 'ZINC ION' 'Zn 2'
#
# COMPACT_ATOMS: atom_id res chain seq x y z
N VAL A 8 24.82 -1.12 -22.30
CA VAL A 8 25.64 -0.69 -23.43
C VAL A 8 26.62 -1.81 -23.83
N ARG A 9 27.34 -2.39 -22.87
CA ARG A 9 28.27 -3.48 -23.14
C ARG A 9 27.81 -4.75 -22.43
N ARG A 10 27.95 -5.87 -23.13
CA ARG A 10 27.51 -7.17 -22.65
C ARG A 10 28.34 -7.68 -21.49
N LEU A 11 27.66 -8.02 -20.40
CA LEU A 11 28.30 -8.55 -19.22
C LEU A 11 28.72 -10.00 -19.50
N PRO A 12 29.62 -10.59 -18.68
CA PRO A 12 30.26 -11.87 -19.04
C PRO A 12 29.43 -13.11 -18.73
N PHE A 13 28.18 -13.14 -19.23
CA PHE A 13 27.32 -14.30 -19.05
C PHE A 13 27.70 -15.41 -20.03
N SER A 14 27.36 -16.64 -19.65
CA SER A 14 27.51 -17.79 -20.54
C SER A 14 26.56 -17.67 -21.73
N THR A 15 26.77 -18.57 -22.70
CA THR A 15 25.94 -18.67 -23.88
C THR A 15 25.17 -19.98 -23.88
N VAL A 16 23.95 -19.94 -24.41
CA VAL A 16 23.08 -21.12 -24.41
C VAL A 16 23.68 -22.16 -25.35
N SER A 17 23.95 -23.34 -24.82
CA SER A 17 24.48 -24.42 -25.64
C SER A 17 23.37 -25.36 -26.09
N LYS A 18 23.76 -26.37 -26.87
CA LYS A 18 22.85 -27.44 -27.24
C LYS A 18 22.42 -28.24 -26.02
N GLN A 19 23.28 -28.31 -25.00
CA GLN A 19 22.93 -29.08 -23.81
C GLN A 19 21.90 -28.34 -22.98
N ASP A 20 21.98 -27.01 -22.96
CA ASP A 20 20.99 -26.18 -22.30
C ASP A 20 19.61 -26.31 -22.94
N LEU A 21 19.56 -26.27 -24.28
CA LEU A 21 18.32 -26.49 -24.99
C LEU A 21 17.69 -27.83 -24.64
N ALA A 22 18.50 -28.88 -24.57
CA ALA A 22 17.98 -30.19 -24.20
C ALA A 22 17.52 -30.21 -22.75
N ALA A 23 18.23 -29.49 -21.88
CA ALA A 23 17.79 -29.37 -20.49
C ALA A 23 16.47 -28.62 -20.42
N PHE A 24 16.35 -27.50 -21.14
CA PHE A 24 15.11 -26.73 -21.11
C PHE A 24 13.93 -27.52 -21.68
N GLU A 25 14.17 -28.30 -22.72
CA GLU A 25 13.10 -29.15 -23.25
C GLU A 25 12.63 -30.17 -22.23
N ARG A 26 13.54 -30.71 -21.44
CA ARG A 26 13.17 -31.57 -20.32
C ARG A 26 12.35 -30.82 -19.27
N ILE A 27 12.77 -29.59 -18.94
CA ILE A 27 12.10 -28.83 -17.88
C ILE A 27 10.72 -28.37 -18.34
N VAL A 28 10.63 -27.78 -19.53
CA VAL A 28 9.38 -27.27 -20.09
C VAL A 28 9.12 -27.93 -21.44
N PRO A 29 8.68 -29.18 -21.48
CA PRO A 29 8.41 -29.82 -22.78
C PRO A 29 7.29 -29.11 -23.51
N GLY A 30 7.54 -28.83 -24.79
CA GLY A 30 6.63 -28.04 -25.59
C GLY A 30 6.80 -26.55 -25.47
N GLY A 31 7.64 -26.07 -24.54
CA GLY A 31 7.76 -24.65 -24.29
C GLY A 31 9.11 -24.02 -24.61
N VAL A 32 9.83 -24.59 -25.57
CA VAL A 32 11.14 -24.10 -25.98
C VAL A 32 11.01 -23.63 -27.42
N VAL A 33 10.94 -22.31 -27.62
CA VAL A 33 10.80 -21.73 -28.94
C VAL A 33 12.17 -21.22 -29.36
N THR A 34 12.68 -21.73 -30.48
CA THR A 34 13.95 -21.28 -31.02
C THR A 34 13.87 -20.82 -32.48
N ASP A 35 12.68 -20.78 -33.08
CA ASP A 35 12.58 -20.38 -34.46
C ASP A 35 12.92 -18.90 -34.57
N PRO A 36 13.93 -18.52 -35.35
CA PRO A 36 14.32 -17.10 -35.42
C PRO A 36 13.22 -16.13 -35.82
N GLU A 37 12.35 -16.48 -36.76
CA GLU A 37 11.28 -15.56 -37.10
C GLU A 37 10.23 -15.44 -35.99
N ALA A 38 9.99 -16.52 -35.25
CA ALA A 38 9.08 -16.45 -34.10
C ALA A 38 9.65 -15.63 -32.95
N LEU A 39 10.97 -15.55 -32.83
CA LEU A 39 11.61 -14.79 -31.76
C LEU A 39 11.70 -13.30 -32.07
N GLN A 40 11.33 -12.90 -33.28
CA GLN A 40 11.47 -11.51 -33.67
C GLN A 40 10.54 -10.60 -32.86
N ALA A 41 9.24 -10.91 -32.86
CA ALA A 41 8.27 -10.13 -32.09
C ALA A 41 8.61 -9.99 -30.61
N PRO A 42 8.92 -11.06 -29.86
CA PRO A 42 9.24 -10.88 -28.43
C PRO A 42 10.54 -10.13 -28.16
N ASN A 43 11.42 -9.98 -29.16
CA ASN A 43 12.63 -9.18 -28.98
C ASN A 43 12.44 -7.68 -29.19
N VAL A 44 11.29 -7.24 -29.70
CA VAL A 44 11.04 -5.83 -29.97
C VAL A 44 10.06 -5.29 -28.93
N ASP A 45 10.41 -4.17 -28.31
CA ASP A 45 9.54 -3.59 -27.30
C ASP A 45 8.33 -2.93 -27.96
N TRP A 46 7.36 -2.53 -27.13
CA TRP A 46 6.11 -1.96 -27.62
C TRP A 46 6.36 -0.74 -28.51
N LEU A 47 7.29 0.13 -28.10
CA LEU A 47 7.58 1.34 -28.86
C LEU A 47 8.40 1.07 -30.13
N ARG A 48 8.99 -0.12 -30.26
CA ARG A 48 9.76 -0.53 -31.44
C ARG A 48 11.07 0.23 -31.61
N THR A 49 11.66 0.72 -30.51
CA THR A 49 12.94 1.42 -30.60
C THR A 49 14.08 0.67 -29.94
N LEU A 50 13.82 -0.47 -29.31
CA LEU A 50 14.84 -1.35 -28.76
C LEU A 50 14.56 -2.76 -29.25
N ARG A 51 15.63 -3.50 -29.55
CA ARG A 51 15.50 -4.82 -30.16
C ARG A 51 16.65 -5.68 -29.68
N GLY A 52 16.30 -6.76 -28.97
CA GLY A 52 17.30 -7.70 -28.52
C GLY A 52 17.56 -8.74 -29.58
N CYS A 53 18.48 -9.63 -29.27
CA CYS A 53 18.89 -10.67 -30.20
C CYS A 53 18.83 -12.02 -29.50
N SER A 54 17.82 -12.18 -28.63
CA SER A 54 17.62 -13.45 -27.96
C SER A 54 17.24 -14.53 -28.95
N LYS A 55 17.84 -15.70 -28.75
CA LYS A 55 17.66 -16.86 -29.59
C LYS A 55 16.89 -17.98 -28.91
N VAL A 56 16.43 -17.78 -27.67
CA VAL A 56 15.66 -18.78 -26.94
C VAL A 56 14.54 -18.09 -26.19
N LEU A 57 13.31 -18.52 -26.41
CA LEU A 57 12.14 -18.13 -25.65
C LEU A 57 11.60 -19.35 -24.90
N LEU A 58 11.42 -19.23 -23.59
CA LEU A 58 10.84 -20.28 -22.79
C LEU A 58 9.46 -19.87 -22.29
N ARG A 59 8.50 -20.82 -22.36
CA ARG A 59 7.10 -20.55 -22.07
C ARG A 59 6.62 -21.55 -21.01
N PRO A 60 7.02 -21.35 -19.76
CA PRO A 60 6.58 -22.27 -18.70
C PRO A 60 5.08 -22.17 -18.42
N ARG A 61 4.55 -23.27 -17.89
CA ARG A 61 3.14 -23.36 -17.52
C ARG A 61 2.93 -23.25 -16.01
N THR A 62 3.88 -23.72 -15.21
CA THR A 62 3.70 -23.78 -13.75
C THR A 62 4.87 -23.11 -13.04
N SER A 63 4.66 -22.87 -11.75
CA SER A 63 5.70 -22.28 -10.91
C SER A 63 6.92 -23.18 -10.76
N GLU A 64 6.71 -24.49 -10.63
CA GLU A 64 7.84 -25.40 -10.50
C GLU A 64 8.72 -25.37 -11.75
N GLU A 65 8.12 -25.34 -12.93
CA GLU A 65 8.89 -25.20 -14.16
C GLU A 65 9.73 -23.92 -14.15
N VAL A 66 9.16 -22.81 -13.66
CA VAL A 66 9.94 -21.57 -13.52
C VAL A 66 11.08 -21.77 -12.54
N SER A 67 10.79 -22.36 -11.37
CA SER A 67 11.83 -22.61 -10.37
C SER A 67 12.98 -23.43 -10.93
N HIS A 68 12.65 -24.48 -11.69
CA HIS A 68 13.68 -25.36 -12.24
C HIS A 68 14.46 -24.68 -13.37
N ILE A 69 13.81 -23.83 -14.17
CA ILE A 69 14.51 -23.07 -15.21
C ILE A 69 15.57 -22.18 -14.60
N LEU A 70 15.18 -21.38 -13.59
CA LEU A 70 16.14 -20.47 -12.96
C LEU A 70 17.24 -21.24 -12.24
N ARG A 71 16.90 -22.39 -11.65
CA ARG A 71 17.92 -23.28 -11.10
C ARG A 71 19.00 -23.62 -12.11
N HIS A 72 18.60 -24.01 -13.32
CA HIS A 72 19.57 -24.31 -14.35
C HIS A 72 20.34 -23.06 -14.77
N CYS A 73 19.61 -21.94 -14.96
CA CYS A 73 20.25 -20.68 -15.35
C CYS A 73 21.19 -20.18 -14.27
N HIS A 74 20.86 -20.41 -13.00
CA HIS A 74 21.76 -20.02 -11.91
C HIS A 74 23.06 -20.80 -11.93
N GLU A 75 22.99 -22.12 -11.97
CA GLU A 75 24.20 -22.93 -12.01
C GLU A 75 25.03 -22.64 -13.25
N ARG A 76 24.39 -22.34 -14.37
CA ARG A 76 25.09 -22.11 -15.63
C ARG A 76 25.44 -20.66 -15.90
N ASN A 77 25.02 -19.72 -15.05
CA ASN A 77 25.22 -18.29 -15.27
C ASN A 77 24.71 -17.83 -16.64
N LEU A 78 23.42 -18.10 -16.89
CA LEU A 78 22.76 -17.61 -18.09
C LEU A 78 21.80 -16.48 -17.69
N ALA A 79 21.83 -15.39 -18.44
CA ALA A 79 20.93 -14.27 -18.19
C ALA A 79 19.50 -14.59 -18.59
N VAL A 80 18.55 -14.11 -17.80
CA VAL A 80 17.13 -14.36 -18.00
C VAL A 80 16.39 -13.03 -18.09
N ASN A 81 15.55 -12.89 -19.11
CA ASN A 81 14.72 -11.69 -19.30
C ASN A 81 13.26 -12.07 -19.10
N PRO A 82 12.67 -11.83 -17.93
CA PRO A 82 11.24 -12.13 -17.75
C PRO A 82 10.41 -11.17 -18.59
N GLN A 83 9.34 -11.72 -19.19
CA GLN A 83 8.47 -10.92 -20.04
C GLN A 83 7.00 -11.27 -19.80
N GLY A 84 6.18 -10.23 -19.69
CA GLY A 84 4.74 -10.39 -19.56
C GLY A 84 4.03 -10.17 -20.88
N GLY A 85 3.12 -9.18 -20.91
CA GLY A 85 2.46 -8.72 -22.12
C GLY A 85 3.32 -7.89 -23.06
N ASN A 86 4.52 -7.50 -22.63
CA ASN A 86 5.45 -6.71 -23.45
C ASN A 86 4.83 -5.38 -23.88
N THR A 87 4.08 -4.75 -22.98
CA THR A 87 3.56 -3.41 -23.16
C THR A 87 4.33 -2.35 -22.38
N GLY A 88 5.37 -2.76 -21.66
CA GLY A 88 6.19 -1.82 -20.92
C GLY A 88 6.81 -0.76 -21.83
N MET A 89 7.07 0.42 -21.24
CA MET A 89 7.39 1.62 -21.98
C MET A 89 8.85 2.06 -21.83
N VAL A 90 9.64 1.34 -21.04
CA VAL A 90 10.95 1.80 -20.59
C VAL A 90 12.03 0.79 -20.99
N GLY A 91 11.74 -0.06 -21.97
CA GLY A 91 12.70 -1.04 -22.45
C GLY A 91 13.06 -2.12 -21.46
N GLY A 92 12.22 -2.35 -20.45
CA GLY A 92 12.48 -3.39 -19.47
C GLY A 92 12.13 -4.79 -19.90
N SER A 93 11.25 -4.92 -20.89
CA SER A 93 10.60 -6.20 -21.19
C SER A 93 11.27 -6.97 -22.31
N VAL A 94 12.30 -6.40 -22.95
CA VAL A 94 12.99 -7.08 -24.03
C VAL A 94 14.48 -7.16 -23.72
N PRO A 95 15.16 -8.20 -24.19
CA PRO A 95 16.61 -8.30 -23.96
C PRO A 95 17.38 -7.15 -24.60
N VAL A 96 18.55 -6.88 -24.04
CA VAL A 96 19.51 -5.98 -24.66
C VAL A 96 20.43 -6.74 -25.61
N PHE A 97 20.83 -7.95 -25.22
CA PHE A 97 21.66 -8.82 -26.03
C PHE A 97 20.99 -10.16 -26.25
N ASP A 98 21.53 -11.23 -25.66
CA ASP A 98 20.98 -12.58 -25.86
C ASP A 98 20.46 -13.21 -24.58
N GLU A 99 19.89 -12.41 -23.68
CA GLU A 99 19.19 -12.96 -22.52
C GLU A 99 18.09 -13.92 -22.93
N ILE A 100 17.94 -15.00 -22.17
CA ILE A 100 16.82 -15.91 -22.38
C ILE A 100 15.53 -15.20 -22.00
N ILE A 101 14.56 -15.19 -22.90
CA ILE A 101 13.25 -14.60 -22.61
C ILE A 101 12.39 -15.67 -21.94
N LEU A 102 12.03 -15.44 -20.68
CA LEU A 102 11.08 -16.29 -19.98
C LEU A 102 9.72 -15.60 -19.99
N SER A 103 8.79 -16.14 -20.77
CA SER A 103 7.47 -15.54 -20.94
C SER A 103 6.49 -16.21 -19.99
N THR A 104 5.60 -15.41 -19.41
CA THR A 104 4.52 -15.91 -18.57
C THR A 104 3.24 -16.20 -19.36
N ALA A 105 3.33 -16.20 -20.69
CA ALA A 105 2.15 -16.31 -21.55
C ALA A 105 1.28 -17.52 -21.21
N ARG A 106 1.90 -18.65 -20.87
CA ARG A 106 1.15 -19.87 -20.60
C ARG A 106 0.77 -20.03 -19.13
N MET A 107 1.20 -19.12 -18.25
CA MET A 107 0.81 -19.17 -16.84
C MET A 107 -0.42 -18.26 -16.66
N ASN A 108 -1.54 -18.71 -17.24
CA ASN A 108 -2.71 -17.86 -17.43
C ASN A 108 -3.96 -18.45 -16.79
N ARG A 109 -3.81 -19.28 -15.76
CA ARG A 109 -4.96 -19.88 -15.09
C ARG A 109 -5.32 -19.08 -13.84
N VAL A 110 -6.61 -18.94 -13.59
CA VAL A 110 -7.12 -18.49 -12.30
C VAL A 110 -7.07 -19.66 -11.33
N LEU A 111 -6.55 -19.42 -10.12
CA LEU A 111 -6.45 -20.47 -9.12
C LEU A 111 -7.62 -20.50 -8.14
N SER A 112 -8.09 -19.35 -7.67
CA SER A 112 -9.28 -19.31 -6.84
C SER A 112 -9.88 -17.91 -6.88
N PHE A 113 -11.16 -17.82 -6.51
CA PHE A 113 -11.82 -16.54 -6.28
C PHE A 113 -12.86 -16.76 -5.20
N HIS A 114 -12.70 -16.08 -4.07
CA HIS A 114 -13.60 -16.22 -2.94
C HIS A 114 -14.75 -15.23 -3.12
N SER A 115 -15.95 -15.77 -3.36
CA SER A 115 -17.12 -14.98 -3.74
C SER A 115 -17.59 -13.98 -2.67
N VAL A 116 -17.09 -14.04 -1.45
CA VAL A 116 -17.48 -13.08 -0.42
C VAL A 116 -16.41 -12.01 -0.19
N SER A 117 -15.15 -12.41 0.03
CA SER A 117 -14.10 -11.42 0.25
C SER A 117 -13.67 -10.70 -1.02
N GLY A 118 -13.93 -11.28 -2.18
CA GLY A 118 -13.48 -10.69 -3.43
C GLY A 118 -12.01 -10.90 -3.70
N ILE A 119 -11.38 -11.83 -3.00
CA ILE A 119 -9.94 -12.08 -3.12
C ILE A 119 -9.68 -13.01 -4.30
N LEU A 120 -8.83 -12.56 -5.22
CA LEU A 120 -8.48 -13.32 -6.41
C LEU A 120 -7.05 -13.85 -6.31
N VAL A 121 -6.89 -15.15 -6.54
CA VAL A 121 -5.59 -15.78 -6.69
C VAL A 121 -5.49 -16.32 -8.11
N CYS A 122 -4.49 -15.85 -8.84
CA CYS A 122 -4.33 -16.21 -10.24
C CYS A 122 -2.85 -16.22 -10.58
N GLN A 123 -2.53 -16.88 -11.69
CA GLN A 123 -1.16 -16.92 -12.18
C GLN A 123 -0.75 -15.58 -12.78
N ALA A 124 0.56 -15.32 -12.75
CA ALA A 124 1.10 -14.02 -13.13
C ALA A 124 0.81 -13.65 -14.58
N GLY A 125 0.68 -14.63 -15.47
CA GLY A 125 0.43 -14.34 -16.87
C GLY A 125 -1.02 -14.19 -17.29
N CYS A 126 -1.96 -14.13 -16.35
CA CYS A 126 -3.33 -13.81 -16.71
C CYS A 126 -3.39 -12.38 -17.23
N VAL A 127 -4.01 -12.20 -18.40
CA VAL A 127 -4.16 -10.87 -18.98
C VAL A 127 -5.22 -10.08 -18.23
N LEU A 128 -4.96 -8.79 -18.03
CA LEU A 128 -5.83 -7.94 -17.19
C LEU A 128 -7.25 -7.91 -17.73
N GLU A 129 -7.38 -7.68 -19.04
CA GLU A 129 -8.68 -7.69 -19.71
C GLU A 129 -9.45 -8.96 -19.36
N GLU A 130 -8.79 -10.12 -19.42
CA GLU A 130 -9.45 -11.38 -19.13
C GLU A 130 -9.84 -11.51 -17.66
N LEU A 131 -9.00 -10.99 -16.75
CA LEU A 131 -9.34 -11.05 -15.33
C LEU A 131 -10.53 -10.15 -15.01
N SER A 132 -10.59 -8.97 -15.64
CA SER A 132 -11.75 -8.09 -15.44
C SER A 132 -13.05 -8.79 -15.82
N ARG A 133 -13.09 -9.41 -16.99
CA ARG A 133 -14.25 -10.20 -17.40
C ARG A 133 -14.61 -11.25 -16.34
N TYR A 134 -13.63 -12.03 -15.90
CA TYR A 134 -13.89 -13.08 -14.91
C TYR A 134 -14.52 -12.55 -13.62
N VAL A 135 -13.91 -11.53 -13.01
CA VAL A 135 -14.46 -11.01 -11.77
C VAL A 135 -15.73 -10.17 -11.96
N GLU A 136 -15.90 -9.53 -13.11
CA GLU A 136 -17.15 -8.81 -13.36
C GLU A 136 -18.34 -9.73 -13.52
N GLU A 137 -18.16 -10.91 -14.13
CA GLU A 137 -19.20 -11.93 -14.07
C GLU A 137 -19.59 -12.30 -12.66
N ARG A 138 -18.70 -12.09 -11.68
CA ARG A 138 -18.99 -12.38 -10.29
C ARG A 138 -19.21 -11.10 -9.46
N ASP A 139 -19.57 -10.00 -10.12
CA ASP A 139 -19.88 -8.73 -9.45
C ASP A 139 -18.69 -8.13 -8.71
N PHE A 140 -17.49 -8.23 -9.29
CA PHE A 140 -16.32 -7.56 -8.75
C PHE A 140 -15.53 -6.94 -9.91
N ILE A 141 -14.61 -6.04 -9.57
CA ILE A 141 -13.75 -5.41 -10.55
C ILE A 141 -12.31 -5.49 -10.08
N MET A 142 -11.40 -5.39 -11.05
CA MET A 142 -9.99 -5.23 -10.71
C MET A 142 -9.74 -3.85 -10.09
N PRO A 143 -8.83 -3.76 -9.12
CA PRO A 143 -8.52 -2.45 -8.52
C PRO A 143 -7.71 -1.54 -9.44
N LEU A 144 -7.29 -2.02 -10.60
CA LEU A 144 -6.55 -1.21 -11.58
C LEU A 144 -7.10 -1.45 -12.96
N ASP A 145 -6.89 -0.47 -13.84
CA ASP A 145 -7.15 -0.61 -15.26
C ASP A 145 -6.21 0.27 -16.05
N LEU A 146 -5.88 -0.17 -17.27
CA LEU A 146 -4.88 0.49 -18.10
C LEU A 146 -5.32 0.37 -19.55
N GLY A 147 -4.84 1.30 -20.37
CA GLY A 147 -5.01 1.17 -21.81
C GLY A 147 -4.46 -0.12 -22.39
N ALA A 148 -3.45 -0.71 -21.74
CA ALA A 148 -2.86 -1.96 -22.18
C ALA A 148 -3.61 -3.20 -21.69
N LYS A 149 -4.80 -3.02 -21.11
CA LYS A 149 -5.53 -4.13 -20.49
C LYS A 149 -5.62 -5.36 -21.38
N GLY A 150 -5.80 -5.16 -22.70
CA GLY A 150 -5.91 -6.27 -23.64
C GLY A 150 -4.70 -7.16 -23.75
N SER A 151 -3.51 -6.68 -23.39
CA SER A 151 -2.29 -7.47 -23.53
C SER A 151 -1.48 -7.65 -22.26
N CYS A 152 -1.50 -6.67 -21.35
CA CYS A 152 -0.64 -6.72 -20.16
C CYS A 152 -1.03 -7.84 -19.22
N HIS A 153 -0.02 -8.43 -18.58
CA HIS A 153 -0.19 -9.52 -17.63
C HIS A 153 -0.21 -8.95 -16.22
N ILE A 154 -0.99 -9.60 -15.33
CA ILE A 154 -1.05 -9.15 -13.94
C ILE A 154 0.34 -9.20 -13.31
N GLY A 155 1.15 -10.19 -13.71
CA GLY A 155 2.53 -10.24 -13.23
C GLY A 155 3.33 -9.03 -13.64
N GLY A 156 3.16 -8.57 -14.88
CA GLY A 156 3.83 -7.37 -15.33
C GLY A 156 3.33 -6.11 -14.64
N ASN A 157 2.02 -6.04 -14.35
CA ASN A 157 1.48 -4.91 -13.62
C ASN A 157 2.09 -4.80 -12.22
N VAL A 158 2.23 -5.93 -11.52
CA VAL A 158 2.82 -5.92 -10.20
C VAL A 158 4.32 -5.59 -10.27
N ALA A 159 5.04 -6.19 -11.22
CA ALA A 159 6.46 -5.93 -11.38
C ALA A 159 6.76 -4.46 -11.66
N THR A 160 5.89 -3.78 -12.41
CA THR A 160 6.11 -2.36 -12.69
C THR A 160 5.39 -1.42 -11.74
N ASN A 161 4.61 -1.95 -10.79
CA ASN A 161 3.75 -1.16 -9.90
C ASN A 161 2.88 -0.20 -10.72
N ALA A 162 2.08 -0.80 -11.60
CA ALA A 162 1.26 -0.03 -12.53
C ALA A 162 0.23 0.82 -11.78
N GLY A 163 0.02 2.03 -12.28
CA GLY A 163 -0.96 2.94 -11.74
C GLY A 163 -2.27 2.81 -12.49
N GLY A 164 -2.52 3.73 -13.41
CA GLY A 164 -3.62 3.63 -14.33
C GLY A 164 -4.81 4.51 -13.98
N LEU A 165 -5.96 4.11 -14.53
CA LEU A 165 -7.12 4.99 -14.69
C LEU A 165 -8.06 4.98 -13.50
N ARG A 166 -7.91 4.04 -12.57
CA ARG A 166 -8.74 4.00 -11.37
C ARG A 166 -7.88 4.06 -10.11
N PHE A 167 -6.64 4.53 -10.25
CA PHE A 167 -5.73 4.70 -9.12
C PHE A 167 -6.27 5.73 -8.14
N LEU A 168 -6.90 6.78 -8.67
CA LEU A 168 -7.51 7.81 -7.83
C LEU A 168 -8.48 7.23 -6.81
N ARG A 169 -9.22 6.17 -7.18
CA ARG A 169 -10.20 5.59 -6.28
C ARG A 169 -9.63 4.45 -5.44
N TYR A 170 -8.94 3.51 -6.06
CA TYR A 170 -8.51 2.28 -5.40
C TYR A 170 -7.05 2.29 -4.97
N GLY A 171 -6.24 3.20 -5.49
CA GLY A 171 -4.88 3.36 -4.99
C GLY A 171 -3.91 2.31 -5.48
N SER A 172 -2.80 2.20 -4.75
CA SER A 172 -1.62 1.51 -5.24
C SER A 172 -1.75 0.00 -5.11
N LEU A 173 -1.06 -0.72 -6.00
CA LEU A 173 -0.89 -2.16 -5.83
C LEU A 173 -0.18 -2.50 -4.53
N HIS A 174 0.65 -1.59 -4.01
CA HIS A 174 1.22 -1.75 -2.68
C HIS A 174 0.14 -1.93 -1.62
N GLY A 175 -1.04 -1.38 -1.83
CA GLY A 175 -2.16 -1.61 -0.95
C GLY A 175 -3.08 -2.74 -1.35
N THR A 176 -3.31 -2.94 -2.65
CA THR A 176 -4.32 -3.90 -3.09
C THR A 176 -3.77 -5.30 -3.28
N VAL A 177 -2.46 -5.47 -3.48
CA VAL A 177 -1.88 -6.80 -3.57
C VAL A 177 -1.77 -7.38 -2.16
N LEU A 178 -2.37 -8.54 -1.96
CA LEU A 178 -2.33 -9.21 -0.65
C LEU A 178 -1.22 -10.24 -0.52
N GLY A 179 -0.81 -10.87 -1.63
CA GLY A 179 0.22 -11.89 -1.55
C GLY A 179 0.85 -12.13 -2.91
N LEU A 180 2.09 -12.63 -2.86
CA LEU A 180 2.82 -12.97 -4.07
C LEU A 180 3.61 -14.26 -3.87
N GLU A 181 3.61 -15.12 -4.88
CA GLU A 181 4.60 -16.17 -5.02
C GLU A 181 5.66 -15.70 -6.00
N VAL A 182 6.92 -15.76 -5.59
CA VAL A 182 8.03 -15.29 -6.40
C VAL A 182 9.09 -16.38 -6.47
N VAL A 183 9.67 -16.56 -7.66
CA VAL A 183 10.78 -17.48 -7.86
C VAL A 183 12.05 -16.65 -7.93
N LEU A 184 12.98 -16.91 -7.01
CA LEU A 184 14.21 -16.14 -6.94
C LEU A 184 15.23 -16.63 -7.96
N ALA A 185 16.30 -15.84 -8.13
CA ALA A 185 17.28 -16.08 -9.18
C ALA A 185 17.87 -17.48 -9.11
N ASP A 186 18.05 -18.03 -7.91
CA ASP A 186 18.62 -19.36 -7.75
C ASP A 186 17.58 -20.48 -7.85
N GLY A 187 16.31 -20.16 -8.13
CA GLY A 187 15.25 -21.14 -8.16
C GLY A 187 14.42 -21.24 -6.91
N THR A 188 14.84 -20.64 -5.80
CA THR A 188 14.08 -20.70 -4.56
C THR A 188 12.68 -20.13 -4.75
N VAL A 189 11.68 -20.88 -4.31
CA VAL A 189 10.29 -20.43 -4.36
C VAL A 189 10.00 -19.71 -3.04
N LEU A 190 9.68 -18.42 -3.14
CA LEU A 190 9.32 -17.61 -1.99
C LEU A 190 7.80 -17.56 -1.91
N ASP A 191 7.26 -18.11 -0.83
CA ASP A 191 5.81 -18.13 -0.62
C ASP A 191 5.42 -16.97 0.29
N CYS A 192 4.93 -15.91 -0.33
CA CYS A 192 4.29 -14.80 0.38
C CYS A 192 2.85 -14.67 -0.09
N LEU A 193 2.25 -15.81 -0.44
CA LEU A 193 0.95 -15.87 -1.11
C LEU A 193 -0.18 -15.97 -0.08
N THR A 194 -0.22 -14.99 0.81
CA THR A 194 -1.30 -14.95 1.78
C THR A 194 -2.55 -14.42 1.11
N SER A 195 -3.71 -14.76 1.67
CA SER A 195 -4.96 -14.23 1.18
C SER A 195 -5.73 -13.51 2.28
N LEU A 196 -4.99 -12.93 3.22
CA LEU A 196 -5.57 -12.24 4.36
C LEU A 196 -5.53 -10.74 4.11
N ARG A 197 -6.59 -10.04 4.49
CA ARG A 197 -6.59 -8.59 4.42
C ARG A 197 -5.54 -7.98 5.36
N LYS A 198 -5.34 -8.58 6.54
CA LYS A 198 -4.43 -8.03 7.53
C LYS A 198 -3.55 -9.13 8.12
N ASP A 199 -2.23 -8.92 8.06
CA ASP A 199 -1.27 -9.92 8.54
C ASP A 199 0.08 -9.26 8.88
N ASN A 200 0.24 -8.86 10.14
CA ASN A 200 1.48 -8.23 10.59
C ASN A 200 2.39 -9.23 11.31
N THR A 201 2.65 -10.38 10.68
CA THR A 201 3.56 -11.37 11.23
C THR A 201 4.91 -11.30 10.53
N GLY A 202 5.61 -10.19 10.77
CA GLY A 202 6.94 -10.00 10.25
C GLY A 202 6.99 -8.98 9.13
N TYR A 203 8.08 -9.02 8.37
CA TYR A 203 8.29 -8.04 7.31
C TYR A 203 7.40 -8.34 6.11
N ASP A 204 6.92 -7.26 5.47
CA ASP A 204 6.05 -7.37 4.31
C ASP A 204 6.92 -7.57 3.06
N LEU A 205 7.50 -8.78 2.98
CA LEU A 205 8.50 -9.09 1.96
C LEU A 205 7.98 -8.87 0.55
N LYS A 206 6.69 -9.14 0.31
CA LYS A 206 6.14 -8.99 -1.04
C LYS A 206 6.33 -7.57 -1.58
N GLN A 207 6.33 -6.57 -0.69
CA GLN A 207 6.48 -5.18 -1.11
C GLN A 207 7.77 -4.94 -1.90
N LEU A 208 8.85 -5.66 -1.57
CA LEU A 208 10.09 -5.56 -2.33
C LEU A 208 9.91 -5.89 -3.81
N PHE A 209 8.98 -6.78 -4.13
CA PHE A 209 8.84 -7.23 -5.51
C PHE A 209 7.81 -6.43 -6.29
N ILE A 210 7.06 -5.54 -5.64
CA ILE A 210 6.10 -4.69 -6.33
C ILE A 210 6.87 -3.45 -6.78
N GLY A 211 7.01 -3.29 -8.08
CA GLY A 211 7.86 -2.26 -8.63
C GLY A 211 9.31 -2.65 -8.84
N SER A 212 9.67 -3.92 -8.62
CA SER A 212 11.05 -4.36 -8.80
C SER A 212 11.36 -4.78 -10.23
N GLU A 213 10.38 -4.79 -11.13
CA GLU A 213 10.59 -4.88 -12.57
C GLU A 213 11.44 -6.09 -12.98
N GLY A 214 11.22 -7.22 -12.29
CA GLY A 214 11.90 -8.46 -12.60
C GLY A 214 13.38 -8.56 -12.28
N THR A 215 13.94 -7.63 -11.51
CA THR A 215 15.35 -7.65 -11.18
C THR A 215 15.62 -8.39 -9.87
N LEU A 216 14.58 -8.66 -9.08
CA LEU A 216 14.71 -9.33 -7.79
C LEU A 216 14.03 -10.69 -7.77
N GLY A 217 13.23 -11.04 -8.77
CA GLY A 217 12.55 -12.30 -8.78
C GLY A 217 11.47 -12.31 -9.85
N ILE A 218 10.98 -13.50 -10.22
CA ILE A 218 9.89 -13.62 -11.18
C ILE A 218 8.61 -13.93 -10.41
N ILE A 219 7.64 -13.02 -10.52
CA ILE A 219 6.32 -13.21 -9.93
C ILE A 219 5.60 -14.29 -10.71
N THR A 220 5.15 -15.34 -10.01
CA THR A 220 4.43 -16.43 -10.65
C THR A 220 2.96 -16.52 -10.26
N THR A 221 2.59 -16.09 -9.05
CA THR A 221 1.21 -16.14 -8.60
C THR A 221 0.90 -14.86 -7.84
N VAL A 222 -0.28 -14.30 -8.07
CA VAL A 222 -0.71 -13.05 -7.45
C VAL A 222 -2.01 -13.28 -6.70
N SER A 223 -2.07 -12.76 -5.48
CA SER A 223 -3.30 -12.65 -4.69
C SER A 223 -3.62 -11.16 -4.56
N ILE A 224 -4.85 -10.78 -4.94
CA ILE A 224 -5.20 -9.37 -5.06
C ILE A 224 -6.64 -9.16 -4.62
N LEU A 225 -6.89 -8.03 -3.96
CA LEU A 225 -8.21 -7.67 -3.43
C LEU A 225 -9.00 -6.93 -4.51
N CYS A 226 -10.10 -7.54 -4.95
CA CYS A 226 -10.94 -6.93 -5.98
C CYS A 226 -12.06 -6.11 -5.33
N PRO A 227 -12.19 -4.84 -5.67
CA PRO A 227 -13.34 -4.06 -5.18
C PRO A 227 -14.65 -4.60 -5.71
N PRO A 228 -15.75 -4.38 -4.98
CA PRO A 228 -17.06 -4.72 -5.52
C PRO A 228 -17.38 -3.96 -6.79
N LYS A 229 -18.17 -4.59 -7.64
CA LYS A 229 -18.52 -3.97 -8.90
C LYS A 229 -19.51 -2.85 -8.66
N PRO A 230 -19.27 -1.63 -9.18
CA PRO A 230 -20.23 -0.56 -8.91
C PRO A 230 -21.56 -0.81 -9.61
N ARG A 231 -22.65 -0.46 -8.93
CA ARG A 231 -23.96 -0.54 -9.54
C ARG A 231 -24.14 0.49 -10.64
N ALA A 232 -23.55 1.67 -10.47
CA ALA A 232 -23.67 2.74 -11.44
C ALA A 232 -22.30 3.33 -11.75
N VAL A 233 -21.97 3.38 -13.03
CA VAL A 233 -20.77 4.03 -13.51
C VAL A 233 -21.23 5.15 -14.44
N ASN A 234 -20.79 6.36 -14.17
CA ASN A 234 -21.05 7.51 -15.03
C ASN A 234 -19.73 8.10 -15.51
N VAL A 235 -19.77 8.64 -16.73
CA VAL A 235 -18.62 9.33 -17.30
C VAL A 235 -19.12 10.68 -17.81
N ALA A 236 -18.44 11.74 -17.41
CA ALA A 236 -18.64 13.08 -17.97
C ALA A 236 -17.39 13.45 -18.75
N PHE A 237 -17.58 13.77 -20.04
CA PHE A 237 -16.52 14.29 -20.88
C PHE A 237 -16.76 15.77 -21.10
N LEU A 238 -15.85 16.61 -20.61
CA LEU A 238 -16.06 18.05 -20.52
C LEU A 238 -14.98 18.79 -21.31
N GLY A 239 -15.38 19.91 -21.91
CA GLY A 239 -14.45 20.82 -22.58
C GLY A 239 -14.20 22.05 -21.72
N CYS A 240 -12.92 22.33 -21.48
CA CYS A 240 -12.54 23.46 -20.65
C CYS A 240 -11.78 24.50 -21.45
N PRO A 241 -12.01 25.79 -21.18
CA PRO A 241 -11.40 26.85 -21.99
C PRO A 241 -9.97 27.19 -21.61
N GLY A 242 -9.44 26.59 -20.54
CA GLY A 242 -8.04 26.74 -20.20
C GLY A 242 -7.67 25.83 -19.06
N PHE A 243 -6.37 25.78 -18.76
CA PHE A 243 -5.89 24.92 -17.69
C PHE A 243 -6.28 25.42 -16.30
N ALA A 244 -6.39 26.74 -16.12
CA ALA A 244 -6.92 27.28 -14.87
C ALA A 244 -8.29 26.70 -14.53
N GLU A 245 -9.14 26.58 -15.55
CA GLU A 245 -10.49 26.03 -15.36
C GLU A 245 -10.45 24.53 -15.13
N VAL A 246 -9.54 23.83 -15.80
CA VAL A 246 -9.32 22.41 -15.52
C VAL A 246 -9.03 22.19 -14.04
N LEU A 247 -8.13 22.99 -13.47
CA LEU A 247 -7.79 22.85 -12.06
C LEU A 247 -8.98 23.17 -11.14
N GLN A 248 -9.79 24.16 -11.51
CA GLN A 248 -10.97 24.46 -10.71
C GLN A 248 -12.06 23.41 -10.91
N THR A 249 -12.18 22.87 -12.11
CA THR A 249 -13.05 21.71 -12.34
C THR A 249 -12.65 20.53 -11.47
N PHE A 250 -11.34 20.26 -11.35
CA PHE A 250 -10.87 19.22 -10.45
C PHE A 250 -11.25 19.51 -9.00
N SER A 251 -11.00 20.73 -8.54
CA SER A 251 -11.32 21.10 -7.16
C SER A 251 -12.81 20.95 -6.88
N THR A 252 -13.65 21.44 -7.81
CA THR A 252 -15.09 21.36 -7.61
C THR A 252 -15.58 19.92 -7.67
N CYS A 253 -15.05 19.15 -8.61
CA CYS A 253 -15.34 17.72 -8.68
C CYS A 253 -15.14 17.02 -7.34
N LYS A 254 -14.02 17.29 -6.65
CA LYS A 254 -13.79 16.67 -5.36
C LYS A 254 -14.78 17.18 -4.31
N GLY A 255 -15.11 18.48 -4.34
CA GLY A 255 -16.08 19.02 -3.41
C GLY A 255 -17.51 18.54 -3.61
N MET A 256 -17.91 18.30 -4.86
CA MET A 256 -19.30 18.03 -5.16
C MET A 256 -19.59 16.56 -5.47
N LEU A 257 -18.60 15.79 -5.93
CA LEU A 257 -18.79 14.37 -6.16
C LEU A 257 -18.20 13.52 -5.05
N GLY A 258 -17.02 13.89 -4.57
CA GLY A 258 -16.46 13.27 -3.37
C GLY A 258 -16.15 11.79 -3.51
N GLU A 259 -16.70 11.00 -2.59
CA GLU A 259 -16.35 9.57 -2.49
C GLU A 259 -16.77 8.75 -3.69
N ILE A 260 -17.70 9.22 -4.53
CA ILE A 260 -18.04 8.44 -5.72
C ILE A 260 -17.05 8.62 -6.85
N LEU A 261 -16.14 9.59 -6.77
CA LEU A 261 -15.18 9.83 -7.84
C LEU A 261 -14.25 8.63 -8.02
N SER A 262 -14.15 8.14 -9.26
CA SER A 262 -13.26 7.04 -9.58
C SER A 262 -12.23 7.35 -10.64
N ALA A 263 -12.36 8.45 -11.37
CA ALA A 263 -11.33 8.86 -12.33
C ALA A 263 -11.46 10.34 -12.62
N PHE A 264 -10.30 10.97 -12.84
CA PHE A 264 -10.23 12.36 -13.31
C PHE A 264 -9.02 12.46 -14.25
N GLU A 265 -9.29 12.48 -15.56
CA GLU A 265 -8.27 12.50 -16.58
C GLU A 265 -8.41 13.79 -17.37
N PHE A 266 -7.30 14.27 -17.95
CA PHE A 266 -7.33 15.43 -18.81
C PHE A 266 -6.51 15.17 -20.07
N MET A 267 -6.78 15.98 -21.09
CA MET A 267 -6.05 15.96 -22.36
C MET A 267 -6.17 17.33 -23.00
N ASP A 268 -5.17 17.70 -23.81
CA ASP A 268 -5.21 18.98 -24.48
C ASP A 268 -5.81 18.85 -25.90
N ALA A 269 -5.95 19.99 -26.57
CA ALA A 269 -6.51 20.04 -27.92
C ALA A 269 -5.75 19.15 -28.91
N VAL A 270 -4.41 19.20 -28.89
CA VAL A 270 -3.63 18.45 -29.87
C VAL A 270 -3.86 16.95 -29.69
N CYS A 271 -4.04 16.50 -28.45
CA CYS A 271 -4.37 15.10 -28.19
C CYS A 271 -5.66 14.70 -28.90
N MET A 272 -6.69 15.53 -28.77
CA MET A 272 -7.96 15.25 -29.43
C MET A 272 -7.80 15.18 -30.95
N GLN A 273 -7.06 16.13 -31.53
CA GLN A 273 -6.78 16.12 -32.96
C GLN A 273 -6.04 14.85 -33.41
N LEU A 274 -5.08 14.40 -32.63
CA LEU A 274 -4.30 13.21 -33.00
C LEU A 274 -5.12 11.93 -32.95
N VAL A 275 -6.00 11.76 -31.96
CA VAL A 275 -6.85 10.58 -31.94
C VAL A 275 -7.85 10.61 -33.08
N GLY A 276 -8.35 11.79 -33.43
CA GLY A 276 -9.24 11.91 -34.58
C GLY A 276 -8.54 11.63 -35.91
N ARG A 277 -7.35 12.18 -36.09
CA ARG A 277 -6.61 12.00 -37.35
C ARG A 277 -6.15 10.56 -37.56
N HIS A 278 -5.45 9.98 -36.59
CA HIS A 278 -4.83 8.67 -36.81
C HIS A 278 -5.78 7.51 -36.51
N LEU A 279 -6.69 7.66 -35.56
CA LEU A 279 -7.60 6.58 -35.20
C LEU A 279 -9.04 6.82 -35.66
N HIS A 280 -9.35 8.01 -36.18
CA HIS A 280 -10.65 8.28 -36.78
C HIS A 280 -11.78 8.20 -35.75
N LEU A 281 -11.52 8.70 -34.55
CA LEU A 281 -12.48 8.78 -33.46
C LEU A 281 -12.91 10.24 -33.32
N ALA A 282 -14.19 10.52 -33.51
CA ALA A 282 -14.70 11.89 -33.47
C ALA A 282 -14.96 12.37 -32.05
N SER A 283 -14.70 13.67 -31.82
CA SER A 283 -15.01 14.31 -30.55
C SER A 283 -16.51 14.45 -30.36
N PRO A 284 -17.04 14.20 -29.16
CA PRO A 284 -18.47 14.39 -28.88
C PRO A 284 -18.84 15.78 -28.37
N VAL A 285 -17.88 16.66 -28.12
CA VAL A 285 -18.17 18.02 -27.66
C VAL A 285 -17.46 19.02 -28.54
N GLN A 286 -17.81 20.29 -28.36
CA GLN A 286 -17.21 21.36 -29.15
C GLN A 286 -15.71 21.44 -28.90
N GLU A 287 -14.99 21.96 -29.90
CA GLU A 287 -13.54 22.12 -29.81
C GLU A 287 -13.18 22.99 -28.61
N SER A 288 -12.24 22.52 -27.81
CA SER A 288 -11.75 23.26 -26.66
C SER A 288 -10.25 23.06 -26.56
N PRO A 289 -9.53 23.97 -25.89
CA PRO A 289 -8.09 23.73 -25.66
C PRO A 289 -7.82 22.57 -24.73
N PHE A 290 -8.72 22.26 -23.79
CA PHE A 290 -8.53 21.16 -22.86
C PHE A 290 -9.82 20.37 -22.73
N TYR A 291 -9.68 19.07 -22.49
CA TYR A 291 -10.80 18.18 -22.22
C TYR A 291 -10.59 17.45 -20.91
N VAL A 292 -11.68 17.22 -20.17
CA VAL A 292 -11.67 16.52 -18.89
C VAL A 292 -12.62 15.33 -18.95
N LEU A 293 -12.11 14.13 -18.64
CA LEU A 293 -12.94 12.94 -18.47
C LEU A 293 -13.09 12.63 -16.98
N ILE A 294 -14.32 12.71 -16.48
CA ILE A 294 -14.66 12.37 -15.10
C ILE A 294 -15.44 11.06 -15.09
N GLU A 295 -15.02 10.11 -14.27
CA GLU A 295 -15.80 8.91 -13.99
C GLU A 295 -16.24 8.88 -12.54
N THR A 296 -17.47 8.41 -12.29
CA THR A 296 -17.95 8.10 -10.95
C THR A 296 -18.37 6.65 -10.82
N SER A 297 -18.27 6.13 -9.60
CA SER A 297 -18.67 4.76 -9.26
C SER A 297 -19.34 4.79 -7.90
N GLY A 298 -20.59 4.33 -7.81
CA GLY A 298 -21.33 4.36 -6.57
C GLY A 298 -22.37 3.25 -6.49
N SER A 299 -22.97 3.15 -5.31
CA SER A 299 -23.92 2.08 -5.00
C SER A 299 -25.37 2.45 -5.28
N ASN A 300 -25.70 3.73 -5.30
CA ASN A 300 -27.06 4.20 -5.63
C ASN A 300 -27.01 5.10 -6.85
N ALA A 301 -27.50 4.58 -7.98
CA ALA A 301 -27.43 5.29 -9.24
C ALA A 301 -28.15 6.63 -9.17
N GLY A 302 -29.26 6.69 -8.43
CA GLY A 302 -29.98 7.95 -8.34
C GLY A 302 -29.23 9.02 -7.57
N HIS A 303 -28.59 8.64 -6.46
CA HIS A 303 -27.78 9.60 -5.72
C HIS A 303 -26.60 10.11 -6.56
N ASP A 304 -25.92 9.22 -7.27
CA ASP A 304 -24.82 9.63 -8.14
C ASP A 304 -25.30 10.58 -9.23
N ALA A 305 -26.38 10.21 -9.92
CA ALA A 305 -26.92 11.06 -10.98
C ALA A 305 -27.31 12.44 -10.44
N GLU A 306 -27.86 12.48 -9.23
CA GLU A 306 -28.17 13.74 -8.59
C GLU A 306 -26.91 14.56 -8.31
N LYS A 307 -25.84 13.90 -7.83
CA LYS A 307 -24.58 14.59 -7.60
C LYS A 307 -24.00 15.14 -8.89
N LEU A 308 -24.01 14.34 -9.96
CA LEU A 308 -23.52 14.78 -11.26
C LEU A 308 -24.34 15.95 -11.81
N GLY A 309 -25.65 15.88 -11.70
CA GLY A 309 -26.49 16.97 -12.19
C GLY A 309 -26.15 18.31 -11.58
N HIS A 310 -26.10 18.39 -10.26
CA HIS A 310 -25.76 19.65 -9.60
C HIS A 310 -24.34 20.08 -9.91
N PHE A 311 -23.40 19.13 -9.96
CA PHE A 311 -22.03 19.46 -10.36
C PHE A 311 -21.99 20.07 -11.75
N LEU A 312 -22.61 19.38 -12.72
CA LEU A 312 -22.61 19.86 -14.10
C LEU A 312 -23.28 21.22 -14.27
N GLU A 313 -24.48 21.40 -13.71
CA GLU A 313 -25.17 22.68 -13.85
C GLU A 313 -24.35 23.87 -13.38
N HIS A 314 -23.77 23.78 -12.17
CA HIS A 314 -22.95 24.87 -11.67
C HIS A 314 -21.66 25.05 -12.47
N ALA A 315 -21.01 23.96 -12.85
CA ALA A 315 -19.75 24.10 -13.59
C ALA A 315 -20.00 24.73 -14.95
N LEU A 316 -21.04 24.28 -15.66
CA LEU A 316 -21.44 24.97 -16.87
C LEU A 316 -21.85 26.40 -16.55
N GLY A 317 -22.56 26.58 -15.43
CA GLY A 317 -23.04 27.89 -15.03
C GLY A 317 -21.94 28.86 -14.63
N SER A 318 -20.86 28.36 -14.03
CA SER A 318 -19.77 29.23 -13.59
C SER A 318 -18.69 29.41 -14.64
N GLY A 319 -18.90 28.91 -15.86
CA GLY A 319 -17.94 29.04 -16.93
C GLY A 319 -16.69 28.21 -16.83
N LEU A 320 -16.63 27.26 -15.91
CA LEU A 320 -15.46 26.38 -15.85
C LEU A 320 -15.44 25.43 -17.04
N VAL A 321 -16.62 24.93 -17.43
CA VAL A 321 -16.77 24.05 -18.58
C VAL A 321 -17.62 24.76 -19.61
N THR A 322 -17.25 24.61 -20.88
CA THR A 322 -17.95 25.23 -22.01
C THR A 322 -19.00 24.29 -22.60
N ASP A 323 -18.64 23.02 -22.79
CA ASP A 323 -19.55 22.04 -23.36
C ASP A 323 -19.24 20.67 -22.74
N GLY A 324 -20.28 19.89 -22.50
CA GLY A 324 -20.12 18.60 -21.84
C GLY A 324 -21.13 17.57 -22.31
N THR A 325 -20.71 16.31 -22.30
CA THR A 325 -21.60 15.17 -22.54
C THR A 325 -21.48 14.15 -21.42
N MET A 326 -22.62 13.58 -21.02
CA MET A 326 -22.67 12.55 -19.99
C MET A 326 -23.11 11.21 -20.57
N ALA A 327 -22.70 10.14 -19.90
CA ALA A 327 -23.03 8.79 -20.32
C ALA A 327 -23.10 7.84 -19.13
N THR A 328 -24.14 7.02 -19.11
CA THR A 328 -24.23 5.86 -18.22
C THR A 328 -24.40 4.55 -18.97
N ASP A 329 -24.89 4.59 -20.21
CA ASP A 329 -24.94 3.41 -21.06
C ASP A 329 -23.54 2.86 -21.31
N GLN A 330 -23.40 1.54 -21.11
CA GLN A 330 -22.10 0.88 -21.20
C GLN A 330 -21.40 1.18 -22.53
N ARG A 331 -22.16 1.23 -23.62
CA ARG A 331 -21.55 1.50 -24.92
C ARG A 331 -20.95 2.90 -25.00
N LYS A 332 -21.70 3.93 -24.61
CA LYS A 332 -21.20 5.29 -24.68
C LYS A 332 -20.11 5.61 -23.66
N VAL A 333 -20.12 5.01 -22.47
CA VAL A 333 -19.00 5.18 -21.55
C VAL A 333 -17.68 4.68 -22.17
N LYS A 334 -17.72 3.51 -22.79
CA LYS A 334 -16.52 2.98 -23.45
C LYS A 334 -16.11 3.86 -24.63
N MET A 335 -17.09 4.44 -25.33
CA MET A 335 -16.79 5.38 -26.41
C MET A 335 -16.00 6.57 -25.88
N LEU A 336 -16.49 7.20 -24.80
CA LEU A 336 -15.81 8.35 -24.21
C LEU A 336 -14.43 7.97 -23.66
N TRP A 337 -14.34 6.84 -22.95
CA TRP A 337 -13.06 6.36 -22.45
C TRP A 337 -12.04 6.13 -23.56
N ALA A 338 -12.49 5.64 -24.72
CA ALA A 338 -11.57 5.43 -25.84
C ALA A 338 -10.86 6.72 -26.25
N LEU A 339 -11.53 7.86 -26.14
CA LEU A 339 -10.90 9.14 -26.47
C LEU A 339 -9.67 9.40 -25.60
N ARG A 340 -9.67 8.95 -24.35
CA ARG A 340 -8.52 9.10 -23.48
C ARG A 340 -7.58 7.91 -23.60
N GLU A 341 -8.14 6.69 -23.52
CA GLU A 341 -7.32 5.48 -23.49
C GLU A 341 -6.43 5.34 -24.73
N ARG A 342 -6.90 5.83 -25.88
CA ARG A 342 -6.21 5.61 -27.14
C ARG A 342 -5.31 6.77 -27.57
N ILE A 343 -5.00 7.69 -26.65
CA ILE A 343 -4.08 8.78 -26.98
C ILE A 343 -2.70 8.20 -27.25
N THR A 344 -2.26 7.30 -26.37
CA THR A 344 -0.95 6.65 -26.49
C THR A 344 -0.76 5.98 -27.86
N GLU A 345 -1.83 5.40 -28.40
CA GLU A 345 -1.76 4.83 -29.74
C GLU A 345 -1.62 5.91 -30.81
N ALA A 346 -2.45 6.95 -30.75
CA ALA A 346 -2.37 8.05 -31.70
C ALA A 346 -1.00 8.72 -31.74
N LEU A 347 -0.33 8.88 -30.60
CA LEU A 347 1.00 9.48 -30.60
C LEU A 347 2.03 8.67 -31.39
N SER A 348 2.07 7.35 -31.17
CA SER A 348 3.01 6.49 -31.89
C SER A 348 2.73 6.38 -33.37
N ARG A 349 1.55 6.79 -33.85
CA ARG A 349 1.29 6.85 -35.27
C ARG A 349 1.61 8.21 -35.89
N ASP A 350 1.98 9.20 -35.10
CA ASP A 350 2.30 10.54 -35.61
C ASP A 350 3.76 10.67 -36.03
N GLY A 351 4.58 9.66 -35.75
CA GLY A 351 5.99 9.70 -36.05
C GLY A 351 6.79 9.26 -34.84
N TYR A 352 8.03 9.73 -34.70
CA TYR A 352 8.84 9.33 -33.56
C TYR A 352 8.34 10.06 -32.31
N VAL A 353 8.25 9.32 -31.21
CA VAL A 353 7.65 9.81 -29.98
C VAL A 353 8.73 9.90 -28.90
N TYR A 354 8.91 11.09 -28.34
CA TYR A 354 9.70 11.26 -27.13
C TYR A 354 8.73 11.25 -25.96
N LYS A 355 8.90 10.30 -25.05
CA LYS A 355 7.88 10.00 -24.04
C LYS A 355 8.42 10.27 -22.65
N TYR A 356 7.73 11.11 -21.90
CA TYR A 356 8.08 11.41 -20.52
C TYR A 356 6.86 11.20 -19.63
N ASP A 357 7.12 10.65 -18.44
CA ASP A 357 6.08 10.32 -17.48
C ASP A 357 6.51 10.93 -16.15
N LEU A 358 5.95 12.09 -15.83
CA LEU A 358 6.43 12.93 -14.73
C LEU A 358 5.37 13.11 -13.67
N SER A 359 5.81 13.11 -12.41
CA SER A 359 5.02 13.59 -11.27
C SER A 359 5.44 15.02 -10.93
N LEU A 360 4.49 15.95 -10.98
CA LEU A 360 4.74 17.36 -10.76
C LEU A 360 3.59 17.92 -9.92
N PRO A 361 3.81 19.04 -9.22
CA PRO A 361 2.69 19.71 -8.55
C PRO A 361 1.57 19.97 -9.54
N VAL A 362 0.36 19.59 -9.15
CA VAL A 362 -0.79 19.70 -10.04
C VAL A 362 -1.01 21.14 -10.50
N GLU A 363 -0.84 22.11 -9.60
CA GLU A 363 -1.09 23.51 -9.95
C GLU A 363 -0.21 24.02 -11.09
N ARG A 364 0.92 23.37 -11.39
CA ARG A 364 1.67 23.77 -12.59
C ARG A 364 2.00 22.59 -13.49
N LEU A 365 1.10 21.61 -13.51
CA LEU A 365 1.35 20.38 -14.24
C LEU A 365 1.58 20.64 -15.73
N TYR A 366 0.91 21.65 -16.31
CA TYR A 366 0.97 21.90 -17.74
C TYR A 366 2.02 22.91 -18.13
N ASP A 367 2.63 23.59 -17.16
CA ASP A 367 3.61 24.64 -17.44
C ASP A 367 4.75 24.14 -18.31
N ILE A 368 5.18 22.88 -18.11
CA ILE A 368 6.29 22.35 -18.88
C ILE A 368 5.90 22.18 -20.35
N VAL A 369 4.63 21.84 -20.63
CA VAL A 369 4.19 21.74 -22.02
C VAL A 369 4.31 23.09 -22.72
N THR A 370 3.83 24.15 -22.08
CA THR A 370 3.95 25.49 -22.66
C THR A 370 5.42 25.88 -22.79
N ASP A 371 6.23 25.55 -21.79
CA ASP A 371 7.66 25.84 -21.87
C ASP A 371 8.29 25.13 -23.07
N LEU A 372 8.02 23.83 -23.23
CA LEU A 372 8.58 23.10 -24.37
C LEU A 372 8.09 23.66 -25.70
N ARG A 373 6.82 24.07 -25.78
CA ARG A 373 6.31 24.64 -27.03
C ARG A 373 7.04 25.94 -27.40
N ALA A 374 7.37 26.77 -26.42
CA ALA A 374 8.16 27.96 -26.73
C ALA A 374 9.61 27.58 -27.02
N ARG A 375 10.16 26.64 -26.25
CA ARG A 375 11.56 26.25 -26.41
C ARG A 375 11.79 25.52 -27.72
N LEU A 376 10.90 24.58 -28.06
CA LEU A 376 10.92 23.92 -29.37
C LEU A 376 9.86 24.58 -30.22
N GLY A 377 10.28 25.22 -31.31
CA GLY A 377 9.33 25.91 -32.13
C GLY A 377 8.92 25.02 -33.29
N PRO A 378 9.45 25.28 -34.49
CA PRO A 378 9.10 24.43 -35.63
C PRO A 378 9.93 23.16 -35.70
N HIS A 379 10.79 22.90 -34.72
CA HIS A 379 11.61 21.69 -34.71
C HIS A 379 10.89 20.48 -34.12
N ALA A 380 9.75 20.65 -33.49
CA ALA A 380 8.90 19.53 -33.10
C ALA A 380 7.64 19.54 -33.97
N LYS A 381 7.10 18.35 -34.21
CA LYS A 381 5.80 18.26 -34.88
C LYS A 381 4.66 18.63 -33.94
N HIS A 382 4.56 17.95 -32.80
CA HIS A 382 3.57 18.28 -31.78
C HIS A 382 4.17 18.11 -30.40
N VAL A 383 3.70 18.93 -29.46
CA VAL A 383 3.91 18.75 -28.01
C VAL A 383 2.54 18.63 -27.34
N VAL A 384 2.34 17.54 -26.61
CA VAL A 384 1.07 17.30 -25.93
C VAL A 384 1.27 17.04 -24.45
N GLY A 385 0.24 17.35 -23.66
CA GLY A 385 0.19 16.97 -22.27
C GLY A 385 -1.16 16.36 -21.96
N TYR A 386 -1.15 15.21 -21.30
CA TYR A 386 -2.36 14.56 -20.84
C TYR A 386 -2.05 13.72 -19.60
N GLY A 387 -3.10 13.10 -19.04
CA GLY A 387 -2.91 12.03 -18.08
C GLY A 387 -3.65 12.21 -16.77
N HIS A 388 -3.12 11.58 -15.72
CA HIS A 388 -3.83 11.42 -14.45
C HIS A 388 -3.60 12.66 -13.59
N LEU A 389 -4.33 13.72 -13.95
CA LEU A 389 -4.21 14.99 -13.23
C LEU A 389 -4.57 14.82 -11.76
N GLY A 390 -5.57 13.99 -11.45
CA GLY A 390 -5.93 13.76 -10.08
C GLY A 390 -4.80 13.22 -9.24
N ASP A 391 -3.90 12.45 -9.85
CA ASP A 391 -2.75 11.88 -9.16
C ASP A 391 -1.46 12.65 -9.40
N GLY A 392 -1.54 13.86 -9.95
CA GLY A 392 -0.35 14.65 -10.19
C GLY A 392 0.62 14.07 -11.19
N ASN A 393 0.11 13.38 -12.22
CA ASN A 393 0.95 12.58 -13.11
C ASN A 393 0.67 13.09 -14.51
N LEU A 394 1.67 13.72 -15.11
CA LEU A 394 1.57 14.26 -16.45
C LEU A 394 2.25 13.33 -17.42
N HIS A 395 1.58 13.01 -18.51
CA HIS A 395 2.20 12.35 -19.65
C HIS A 395 2.59 13.42 -20.65
N LEU A 396 3.90 13.59 -20.83
CA LEU A 396 4.43 14.61 -21.72
C LEU A 396 5.03 13.87 -22.90
N ASN A 397 4.56 14.19 -24.10
CA ASN A 397 5.07 13.57 -25.31
C ASN A 397 5.36 14.64 -26.35
N VAL A 398 6.46 14.45 -27.08
CA VAL A 398 6.80 15.27 -28.24
C VAL A 398 6.90 14.34 -29.44
N THR A 399 6.23 14.68 -30.54
CA THR A 399 6.32 13.89 -31.76
C THR A 399 7.10 14.61 -32.84
N ALA A 400 7.84 13.83 -33.64
CA ALA A 400 8.47 14.29 -34.87
C ALA A 400 8.35 13.21 -35.95
N GLU A 401 8.36 13.63 -37.23
CA GLU A 401 8.37 12.63 -38.30
C GLU A 401 9.58 11.72 -38.24
N ALA A 402 10.72 12.21 -37.77
CA ALA A 402 11.79 11.27 -37.50
C ALA A 402 12.60 11.76 -36.30
N PHE A 403 13.33 10.82 -35.71
CA PHE A 403 14.19 11.14 -34.59
C PHE A 403 15.28 12.13 -34.99
N SER A 404 15.55 13.08 -34.10
CA SER A 404 16.58 14.09 -34.31
C SER A 404 17.47 14.08 -33.07
N PRO A 405 18.78 13.87 -33.19
CA PRO A 405 19.65 14.08 -32.03
C PRO A 405 19.59 15.51 -31.51
N SER A 406 19.34 16.48 -32.39
CA SER A 406 19.11 17.86 -31.96
C SER A 406 17.93 17.93 -30.99
N LEU A 407 16.78 17.35 -31.37
CA LEU A 407 15.59 17.47 -30.52
C LEU A 407 15.79 16.75 -29.19
N LEU A 408 16.49 15.62 -29.20
CA LEU A 408 16.83 14.94 -27.95
C LEU A 408 17.67 15.84 -27.04
N ALA A 409 18.71 16.45 -27.60
CA ALA A 409 19.53 17.39 -26.83
C ALA A 409 18.73 18.57 -26.29
N ALA A 410 17.70 19.01 -27.02
CA ALA A 410 16.82 20.05 -26.50
C ALA A 410 15.93 19.55 -25.37
N LEU A 411 15.49 18.29 -25.41
CA LEU A 411 14.59 17.75 -24.41
C LEU A 411 15.31 17.25 -23.16
N GLU A 412 16.49 16.66 -23.32
CA GLU A 412 17.20 16.03 -22.22
C GLU A 412 18.60 16.62 -22.10
N PRO A 413 19.05 17.00 -20.91
CA PRO A 413 18.40 16.80 -19.60
C PRO A 413 17.32 17.80 -19.19
N HIS A 414 17.07 18.82 -20.02
CA HIS A 414 16.18 19.92 -19.65
C HIS A 414 14.90 19.44 -18.96
N VAL A 415 14.20 18.47 -19.56
CA VAL A 415 12.94 17.99 -18.98
C VAL A 415 13.18 17.40 -17.60
N TYR A 416 14.23 16.59 -17.45
CA TYR A 416 14.53 16.00 -16.15
C TYR A 416 14.96 17.05 -15.13
N GLU A 417 15.69 18.08 -15.57
CA GLU A 417 16.09 19.16 -14.69
C GLU A 417 14.89 19.99 -14.21
N TRP A 418 13.94 20.30 -15.10
CA TRP A 418 12.72 20.97 -14.69
C TRP A 418 11.99 20.19 -13.59
N THR A 419 11.74 18.91 -13.82
CA THR A 419 11.08 18.06 -12.83
C THR A 419 11.81 18.10 -11.48
N ALA A 420 13.14 17.93 -11.51
CA ALA A 420 13.92 17.97 -10.28
C ALA A 420 13.77 19.31 -9.57
N GLY A 421 13.76 20.42 -10.31
CA GLY A 421 13.48 21.70 -9.70
C GLY A 421 12.14 21.74 -8.99
N GLN A 422 11.20 20.88 -9.38
CA GLN A 422 9.93 20.74 -8.69
C GLN A 422 9.91 19.59 -7.69
N GLN A 423 11.06 18.99 -7.39
CA GLN A 423 11.14 17.78 -6.57
C GLN A 423 10.20 16.68 -7.06
N GLY A 424 10.15 16.51 -8.38
CA GLY A 424 9.17 15.63 -9.01
C GLY A 424 9.77 14.26 -9.27
N SER A 425 8.97 13.41 -9.91
CA SER A 425 9.45 12.09 -10.31
C SER A 425 9.63 12.05 -11.82
N VAL A 426 10.82 11.61 -12.25
CA VAL A 426 11.10 11.38 -13.67
C VAL A 426 10.52 10.09 -14.21
N SER A 427 9.90 9.26 -13.38
CA SER A 427 9.08 8.16 -13.89
C SER A 427 8.01 7.87 -12.83
N ALA A 428 6.84 8.49 -13.01
CA ALA A 428 5.78 8.34 -12.01
C ALA A 428 5.23 6.92 -11.97
N GLU A 429 5.03 6.31 -13.13
CA GLU A 429 4.27 5.07 -13.23
C GLU A 429 5.05 4.02 -14.00
N HIS A 430 5.55 4.36 -15.20
CA HIS A 430 6.04 3.38 -16.15
C HIS A 430 7.30 2.67 -15.64
N GLY A 431 8.03 3.30 -14.73
CA GLY A 431 9.21 2.71 -14.13
C GLY A 431 10.49 3.15 -14.79
N VAL A 432 11.50 2.31 -14.66
CA VAL A 432 12.87 2.68 -15.00
C VAL A 432 13.39 1.88 -16.17
N GLY A 433 13.45 0.56 -16.02
CA GLY A 433 13.90 -0.34 -17.08
C GLY A 433 15.28 0.00 -17.61
N PHE A 434 15.42 -0.13 -18.94
CA PHE A 434 16.64 0.25 -19.65
C PHE A 434 16.74 1.76 -19.90
N ARG A 435 15.63 2.37 -20.35
CA ARG A 435 15.65 3.76 -20.79
C ARG A 435 16.08 4.75 -19.70
N LYS A 436 15.62 4.55 -18.46
CA LYS A 436 15.77 5.58 -17.44
C LYS A 436 16.77 5.22 -16.34
N ARG A 437 17.57 4.16 -16.54
CA ARG A 437 18.48 3.69 -15.50
C ARG A 437 19.48 4.77 -15.06
N ASP A 438 19.85 5.68 -15.95
CA ASP A 438 20.84 6.71 -15.66
C ASP A 438 20.24 8.09 -15.38
N VAL A 439 18.92 8.18 -15.15
CA VAL A 439 18.34 9.46 -14.75
C VAL A 439 17.65 9.39 -13.39
N LEU A 440 17.93 8.36 -12.59
CA LEU A 440 17.28 8.27 -11.28
C LEU A 440 17.82 9.28 -10.28
N GLY A 441 19.02 9.81 -10.51
CA GLY A 441 19.57 10.84 -9.64
C GLY A 441 18.73 12.10 -9.57
N TYR A 442 17.84 12.32 -10.55
CA TYR A 442 16.93 13.45 -10.47
C TYR A 442 15.75 13.22 -9.51
N SER A 443 15.49 11.98 -9.10
CA SER A 443 14.43 11.71 -8.12
C SER A 443 14.87 10.98 -6.86
N LYS A 444 16.06 10.38 -6.85
CA LYS A 444 16.50 9.56 -5.72
C LYS A 444 17.91 9.97 -5.32
N PRO A 445 18.17 10.09 -4.02
CA PRO A 445 19.52 10.44 -3.58
C PRO A 445 20.45 9.24 -3.62
N PRO A 446 21.76 9.47 -3.62
CA PRO A 446 22.71 8.35 -3.78
C PRO A 446 22.60 7.26 -2.73
N GLY A 447 22.26 7.61 -1.48
CA GLY A 447 22.11 6.59 -0.45
C GLY A 447 20.97 5.63 -0.70
N ALA A 448 19.83 6.14 -1.17
CA ALA A 448 18.74 5.26 -1.61
C ALA A 448 19.17 4.33 -2.74
N LEU A 449 19.72 4.90 -3.81
CA LEU A 449 20.14 4.07 -4.96
C LEU A 449 21.19 3.02 -4.57
N GLN A 450 22.04 3.32 -3.59
CA GLN A 450 23.03 2.36 -3.10
C GLN A 450 22.37 1.19 -2.40
N LEU A 451 21.42 1.47 -1.51
CA LEU A 451 20.70 0.40 -0.82
C LEU A 451 19.97 -0.50 -1.82
N MET A 452 19.40 0.09 -2.88
CA MET A 452 18.78 -0.72 -3.93
C MET A 452 19.77 -1.73 -4.49
N GLN A 453 20.99 -1.29 -4.79
CA GLN A 453 22.03 -2.18 -5.29
C GLN A 453 22.39 -3.26 -4.26
N GLN A 454 22.41 -2.92 -2.98
CA GLN A 454 22.66 -3.93 -1.96
C GLN A 454 21.56 -4.98 -1.92
N LEU A 455 20.30 -4.55 -2.07
CA LEU A 455 19.21 -5.52 -2.12
C LEU A 455 19.31 -6.39 -3.36
N LYS A 456 19.61 -5.80 -4.52
CA LYS A 456 19.85 -6.56 -5.73
C LYS A 456 20.96 -7.60 -5.53
N ALA A 457 22.06 -7.20 -4.89
CA ALA A 457 23.17 -8.12 -4.65
C ALA A 457 22.79 -9.25 -3.69
N LEU A 458 21.94 -8.96 -2.70
CA LEU A 458 21.47 -10.01 -1.81
C LEU A 458 20.55 -10.99 -2.53
N LEU A 459 19.58 -10.49 -3.29
CA LEU A 459 18.58 -11.38 -3.87
C LEU A 459 19.07 -12.07 -5.14
N ASP A 460 19.99 -11.45 -5.88
CA ASP A 460 20.46 -11.99 -7.15
C ASP A 460 21.94 -11.63 -7.29
N PRO A 461 22.79 -12.26 -6.49
CA PRO A 461 24.23 -11.93 -6.52
C PRO A 461 24.90 -12.15 -7.87
N LYS A 462 24.42 -13.12 -8.65
CA LYS A 462 24.97 -13.36 -9.98
C LYS A 462 24.45 -12.37 -11.02
N GLY A 463 23.38 -11.64 -10.72
CA GLY A 463 22.83 -10.67 -11.65
C GLY A 463 22.26 -11.27 -12.91
N ILE A 464 21.73 -12.49 -12.83
CA ILE A 464 21.18 -13.15 -14.00
C ILE A 464 19.79 -12.62 -14.36
N LEU A 465 19.05 -12.09 -13.38
CA LEU A 465 17.71 -11.58 -13.63
C LEU A 465 17.75 -10.15 -14.14
N ASN A 466 17.30 -9.96 -15.38
CA ASN A 466 17.18 -8.65 -16.01
C ASN A 466 18.43 -7.78 -15.89
N PRO A 467 19.56 -8.20 -16.47
CA PRO A 467 20.74 -7.33 -16.51
C PRO A 467 20.47 -6.06 -17.31
N TYR A 468 21.32 -5.05 -17.07
CA TYR A 468 21.27 -3.75 -17.72
C TYR A 468 20.06 -2.93 -17.30
N LYS A 469 19.32 -3.43 -16.31
CA LYS A 469 18.22 -2.73 -15.69
C LYS A 469 18.38 -2.97 -14.18
N THR A 470 17.57 -2.36 -13.33
CA THR A 470 16.78 -1.14 -13.53
C THR A 470 17.40 -0.12 -12.59
N LEU A 471 18.61 -0.43 -12.16
CA LEU A 471 19.44 0.38 -11.28
C LEU A 471 20.56 1.02 -12.08
N PRO A 472 21.17 2.10 -11.57
CA PRO A 472 22.21 2.81 -12.32
C PRO A 472 23.36 1.91 -12.73
N SER A 473 24.04 2.31 -13.80
CA SER A 473 25.15 1.53 -14.36
C SER A 473 26.31 1.42 -13.39
N PRO B 7 14.84 -19.33 29.84
CA PRO B 7 14.44 -18.01 29.34
C PRO B 7 15.33 -17.55 28.19
N VAL B 8 15.32 -16.24 27.89
CA VAL B 8 16.16 -15.72 26.83
C VAL B 8 17.47 -15.24 27.41
N ARG B 9 18.54 -15.36 26.62
CA ARG B 9 19.89 -15.05 27.06
C ARG B 9 20.32 -13.72 26.44
N ARG B 10 20.89 -12.85 27.26
CA ARG B 10 21.41 -11.58 26.78
C ARG B 10 22.56 -11.78 25.80
N LEU B 11 22.46 -11.16 24.62
CA LEU B 11 23.53 -11.21 23.65
C LEU B 11 24.72 -10.37 24.12
N PRO B 12 25.92 -10.62 23.59
CA PRO B 12 27.13 -9.98 24.14
C PRO B 12 27.34 -8.53 23.68
N PHE B 13 26.35 -7.68 23.98
CA PHE B 13 26.51 -6.27 23.73
C PHE B 13 27.35 -5.65 24.85
N SER B 14 27.97 -4.51 24.56
CA SER B 14 28.63 -3.75 25.62
C SER B 14 27.59 -3.15 26.56
N THR B 15 28.08 -2.39 27.54
CA THR B 15 27.23 -1.70 28.49
C THR B 15 27.54 -0.21 28.47
N VAL B 16 26.59 0.58 28.95
CA VAL B 16 26.73 2.03 28.93
C VAL B 16 27.70 2.43 30.04
N SER B 17 28.79 3.09 29.65
CA SER B 17 29.76 3.62 30.60
C SER B 17 29.49 5.10 30.89
N LYS B 18 30.23 5.63 31.86
CA LYS B 18 30.21 7.07 32.09
C LYS B 18 30.63 7.85 30.85
N GLN B 19 31.58 7.30 30.09
CA GLN B 19 32.01 7.99 28.87
C GLN B 19 30.92 7.96 27.79
N ASP B 20 30.15 6.88 27.70
CA ASP B 20 28.99 6.88 26.81
C ASP B 20 27.96 7.94 27.24
N LEU B 21 27.72 8.07 28.54
CA LEU B 21 26.80 9.09 29.04
C LEU B 21 27.25 10.49 28.67
N ALA B 22 28.56 10.76 28.75
CA ALA B 22 29.08 12.06 28.33
C ALA B 22 28.96 12.26 26.81
N ALA B 23 29.17 11.20 26.04
CA ALA B 23 28.93 11.25 24.59
C ALA B 23 27.48 11.61 24.26
N PHE B 24 26.51 10.97 24.93
CA PHE B 24 25.11 11.31 24.66
C PHE B 24 24.77 12.72 25.10
N GLU B 25 25.37 13.21 26.19
CA GLU B 25 25.13 14.58 26.62
C GLU B 25 25.65 15.55 25.58
N ARG B 26 26.77 15.21 24.94
CA ARG B 26 27.28 15.98 23.81
C ARG B 26 26.31 15.96 22.63
N ILE B 27 25.79 14.79 22.29
CA ILE B 27 24.99 14.66 21.07
C ILE B 27 23.60 15.26 21.23
N VAL B 28 22.96 15.04 22.36
CA VAL B 28 21.66 15.64 22.64
C VAL B 28 21.65 16.37 23.98
N PRO B 29 22.09 17.63 24.01
CA PRO B 29 22.09 18.38 25.28
C PRO B 29 20.70 18.43 25.89
N GLY B 30 20.61 18.05 27.16
CA GLY B 30 19.33 18.04 27.86
C GLY B 30 18.41 16.90 27.49
N GLY B 31 18.88 15.91 26.75
CA GLY B 31 18.03 14.82 26.32
C GLY B 31 18.45 13.45 26.85
N VAL B 32 19.20 13.43 27.94
CA VAL B 32 19.70 12.19 28.55
C VAL B 32 19.06 12.05 29.93
N VAL B 33 18.30 10.98 30.12
CA VAL B 33 17.65 10.69 31.40
C VAL B 33 18.26 9.42 31.98
N THR B 34 18.87 9.55 33.16
CA THR B 34 19.51 8.43 33.82
C THR B 34 18.91 8.07 35.18
N ASP B 35 18.06 8.93 35.74
CA ASP B 35 17.48 8.67 37.06
C ASP B 35 16.66 7.39 37.08
N PRO B 36 16.97 6.44 37.97
CA PRO B 36 16.23 5.16 37.98
C PRO B 36 14.71 5.31 38.16
N GLU B 37 14.26 6.25 38.99
CA GLU B 37 12.83 6.46 39.17
C GLU B 37 12.16 7.02 37.92
N ALA B 38 12.85 7.88 37.18
CA ALA B 38 12.32 8.33 35.90
C ALA B 38 12.34 7.24 34.83
N LEU B 39 13.33 6.34 34.85
CA LEU B 39 13.40 5.25 33.90
C LEU B 39 12.46 4.08 34.17
N GLN B 40 11.77 4.04 35.31
CA GLN B 40 10.81 2.96 35.57
C GLN B 40 9.75 2.89 34.47
N ALA B 41 9.01 3.98 34.29
CA ALA B 41 7.86 3.99 33.40
C ALA B 41 8.20 3.61 31.95
N PRO B 42 9.19 4.22 31.29
CA PRO B 42 9.51 3.77 29.92
C PRO B 42 9.99 2.33 29.84
N ASN B 43 10.39 1.73 30.95
CA ASN B 43 10.77 0.32 30.96
C ASN B 43 9.60 -0.66 31.02
N VAL B 44 8.38 -0.21 31.33
CA VAL B 44 7.23 -1.11 31.47
C VAL B 44 6.32 -0.94 30.26
N ASP B 45 5.88 -2.06 29.69
CA ASP B 45 4.97 -2.05 28.55
C ASP B 45 3.56 -1.61 28.95
N TRP B 46 2.74 -1.35 27.94
CA TRP B 46 1.37 -0.88 28.18
C TRP B 46 0.56 -1.89 28.99
N LEU B 47 0.76 -3.18 28.73
CA LEU B 47 0.03 -4.20 29.46
C LEU B 47 0.58 -4.40 30.87
N ARG B 48 1.77 -3.86 31.20
CA ARG B 48 2.37 -4.00 32.54
C ARG B 48 2.76 -5.43 32.86
N THR B 49 3.08 -6.23 31.85
CA THR B 49 3.49 -7.59 32.10
C THR B 49 4.92 -7.86 31.66
N LEU B 50 5.61 -6.87 31.10
CA LEU B 50 7.01 -6.97 30.78
C LEU B 50 7.71 -5.73 31.34
N ARG B 51 8.88 -5.93 31.94
CA ARG B 51 9.64 -4.81 32.49
C ARG B 51 11.10 -4.99 32.12
N GLY B 52 11.68 -3.96 31.50
CA GLY B 52 13.10 -3.93 31.25
C GLY B 52 13.92 -3.32 32.36
N CYS B 53 15.24 -3.41 32.20
CA CYS B 53 16.23 -2.87 33.12
C CYS B 53 17.14 -1.85 32.44
N SER B 54 16.58 -1.09 31.48
CA SER B 54 17.37 -0.06 30.83
C SER B 54 17.76 1.02 31.83
N LYS B 55 19.00 1.49 31.73
CA LYS B 55 19.51 2.54 32.60
C LYS B 55 19.73 3.89 31.92
N VAL B 56 19.36 4.04 30.65
CA VAL B 56 19.48 5.34 30.00
C VAL B 56 18.37 5.54 28.96
N LEU B 57 17.72 6.70 29.02
CA LEU B 57 16.74 7.16 28.04
C LEU B 57 17.30 8.36 27.29
N LEU B 58 17.33 8.28 25.96
CA LEU B 58 17.73 9.39 25.11
C LEU B 58 16.52 9.95 24.39
N ARG B 59 16.39 11.28 24.39
CA ARG B 59 15.25 11.99 23.79
C ARG B 59 15.72 13.03 22.78
N PRO B 60 16.22 12.61 21.63
CA PRO B 60 16.67 13.58 20.62
C PRO B 60 15.51 14.43 20.10
N ARG B 61 15.85 15.61 19.58
CA ARG B 61 14.90 16.48 18.90
C ARG B 61 14.96 16.43 17.39
N THR B 62 16.09 16.03 16.81
CA THR B 62 16.32 16.17 15.37
C THR B 62 16.82 14.85 14.79
N SER B 63 16.70 14.74 13.47
CA SER B 63 17.17 13.55 12.77
C SER B 63 18.68 13.40 12.90
N GLU B 64 19.42 14.52 12.85
CA GLU B 64 20.86 14.46 13.00
C GLU B 64 21.27 13.89 14.35
N GLU B 65 20.53 14.26 15.40
CA GLU B 65 20.80 13.70 16.72
C GLU B 65 20.59 12.19 16.75
N VAL B 66 19.56 11.71 16.06
CA VAL B 66 19.33 10.27 15.99
C VAL B 66 20.47 9.59 15.23
N SER B 67 20.85 10.16 14.08
CA SER B 67 21.99 9.67 13.32
C SER B 67 23.26 9.56 14.17
N HIS B 68 23.61 10.63 14.90
CA HIS B 68 24.82 10.62 15.71
C HIS B 68 24.74 9.64 16.88
N ILE B 69 23.59 9.57 17.55
CA ILE B 69 23.40 8.57 18.60
C ILE B 69 23.66 7.17 18.08
N LEU B 70 23.03 6.79 16.96
CA LEU B 70 23.18 5.43 16.44
C LEU B 70 24.60 5.12 15.95
N ARG B 71 25.28 6.11 15.35
CA ARG B 71 26.69 6.01 15.00
C ARG B 71 27.53 5.59 16.21
N HIS B 72 27.35 6.29 17.33
CA HIS B 72 28.06 5.95 18.57
C HIS B 72 27.71 4.55 19.04
N CYS B 73 26.42 4.23 19.13
CA CYS B 73 26.01 2.90 19.54
C CYS B 73 26.54 1.82 18.61
N HIS B 74 26.65 2.10 17.31
CA HIS B 74 27.22 1.14 16.39
C HIS B 74 28.70 0.90 16.66
N GLU B 75 29.48 1.98 16.79
CA GLU B 75 30.89 1.85 17.14
C GLU B 75 31.09 1.18 18.50
N ARG B 76 30.25 1.51 19.47
CA ARG B 76 30.41 0.98 20.82
C ARG B 76 29.76 -0.37 21.03
N ASN B 77 28.97 -0.86 20.07
CA ASN B 77 28.19 -2.10 20.22
C ASN B 77 27.17 -2.02 21.35
N LEU B 78 26.43 -0.92 21.39
CA LEU B 78 25.36 -0.74 22.36
C LEU B 78 24.01 -1.00 21.69
N ALA B 79 23.22 -1.88 22.29
CA ALA B 79 21.89 -2.19 21.79
C ALA B 79 20.91 -1.05 22.06
N VAL B 80 19.98 -0.85 21.14
CA VAL B 80 19.05 0.28 21.19
C VAL B 80 17.62 -0.23 21.03
N ASN B 81 16.73 0.26 21.88
CA ASN B 81 15.31 -0.05 21.87
C ASN B 81 14.56 1.22 21.48
N PRO B 82 14.14 1.37 20.22
CA PRO B 82 13.30 2.52 19.86
C PRO B 82 11.96 2.47 20.57
N GLN B 83 11.46 3.65 20.94
CA GLN B 83 10.17 3.75 21.62
C GLN B 83 9.44 5.01 21.16
N GLY B 84 8.15 4.84 20.86
CA GLY B 84 7.26 5.96 20.62
C GLY B 84 6.34 6.24 21.77
N GLY B 85 5.02 6.07 21.56
CA GLY B 85 4.03 6.24 22.61
C GLY B 85 4.01 5.13 23.64
N ASN B 86 4.75 4.04 23.42
CA ASN B 86 4.77 2.87 24.31
C ASN B 86 3.36 2.30 24.52
N THR B 87 2.55 2.29 23.46
CA THR B 87 1.23 1.69 23.46
C THR B 87 1.20 0.32 22.77
N GLY B 88 2.34 -0.13 22.25
CA GLY B 88 2.40 -1.43 21.61
C GLY B 88 1.96 -2.57 22.52
N MET B 89 1.42 -3.61 21.92
CA MET B 89 0.76 -4.70 22.62
C MET B 89 1.57 -6.00 22.64
N VAL B 90 2.75 -6.03 22.04
CA VAL B 90 3.45 -7.29 21.82
C VAL B 90 4.86 -7.28 22.43
N GLY B 91 5.09 -6.43 23.42
CA GLY B 91 6.39 -6.36 24.07
C GLY B 91 7.52 -5.80 23.24
N GLY B 92 7.25 -5.25 22.05
CA GLY B 92 8.30 -4.71 21.21
C GLY B 92 8.86 -3.39 21.69
N SER B 93 8.16 -2.70 22.60
CA SER B 93 8.39 -1.30 22.88
C SER B 93 9.30 -1.06 24.09
N VAL B 94 9.60 -2.08 24.88
CA VAL B 94 10.43 -1.89 26.06
C VAL B 94 11.61 -2.86 25.99
N PRO B 95 12.71 -2.53 26.66
CA PRO B 95 13.87 -3.43 26.65
C PRO B 95 13.63 -4.74 27.35
N VAL B 96 14.41 -5.74 26.96
CA VAL B 96 14.45 -7.03 27.63
C VAL B 96 15.49 -7.00 28.75
N PHE B 97 16.69 -6.53 28.43
CA PHE B 97 17.76 -6.32 29.40
C PHE B 97 18.04 -4.83 29.56
N ASP B 98 19.20 -4.36 29.10
CA ASP B 98 19.65 -2.99 29.36
C ASP B 98 19.84 -2.20 28.07
N GLU B 99 19.02 -2.47 27.06
CA GLU B 99 19.08 -1.72 25.81
C GLU B 99 18.76 -0.24 26.07
N ILE B 100 19.46 0.63 25.35
CA ILE B 100 19.20 2.07 25.47
C ILE B 100 17.82 2.36 24.89
N ILE B 101 17.00 3.10 25.64
CA ILE B 101 15.68 3.50 25.16
C ILE B 101 15.82 4.81 24.39
N LEU B 102 15.58 4.77 23.08
CA LEU B 102 15.60 5.95 22.22
C LEU B 102 14.17 6.42 21.94
N SER B 103 13.76 7.50 22.61
CA SER B 103 12.38 7.96 22.55
C SER B 103 12.23 9.06 21.51
N THR B 104 11.13 9.01 20.75
CA THR B 104 10.77 10.05 19.79
C THR B 104 9.87 11.12 20.38
N ALA B 105 9.66 11.10 21.70
CA ALA B 105 8.77 12.04 22.36
C ALA B 105 9.03 13.50 21.99
N ARG B 106 10.29 13.89 21.75
CA ARG B 106 10.58 15.28 21.44
C ARG B 106 10.79 15.54 19.95
N MET B 107 10.53 14.56 19.11
CA MET B 107 10.55 14.76 17.66
C MET B 107 9.09 14.90 17.20
N ASN B 108 8.51 16.05 17.56
CA ASN B 108 7.06 16.24 17.50
C ASN B 108 6.68 17.47 16.69
N ARG B 109 7.46 17.79 15.66
CA ARG B 109 7.23 18.96 14.84
C ARG B 109 6.58 18.55 13.52
N VAL B 110 5.68 19.40 13.03
CA VAL B 110 5.15 19.25 11.68
C VAL B 110 6.08 20.03 10.76
N LEU B 111 6.53 19.39 9.69
CA LEU B 111 7.38 20.08 8.72
C LEU B 111 6.55 20.87 7.70
N SER B 112 5.54 20.26 7.11
CA SER B 112 4.74 20.95 6.12
C SER B 112 3.43 20.21 5.89
N PHE B 113 2.44 20.96 5.41
CA PHE B 113 1.15 20.42 5.00
C PHE B 113 0.67 21.20 3.80
N HIS B 114 0.39 20.50 2.70
CA HIS B 114 -0.03 21.12 1.45
C HIS B 114 -1.56 21.02 1.45
N SER B 115 -2.24 22.17 1.51
CA SER B 115 -3.68 22.22 1.76
C SER B 115 -4.55 21.84 0.56
N VAL B 116 -4.00 21.44 -0.58
CA VAL B 116 -4.79 20.93 -1.68
C VAL B 116 -4.54 19.45 -1.91
N SER B 117 -3.26 19.05 -2.05
CA SER B 117 -2.94 17.64 -2.20
C SER B 117 -3.19 16.85 -0.92
N GLY B 118 -3.16 17.49 0.24
CA GLY B 118 -3.34 16.79 1.48
C GLY B 118 -2.16 16.00 1.97
N ILE B 119 -0.95 16.32 1.52
CA ILE B 119 0.25 15.60 1.92
C ILE B 119 0.79 16.23 3.19
N LEU B 120 0.88 15.42 4.25
CA LEU B 120 1.45 15.82 5.52
C LEU B 120 2.88 15.30 5.63
N VAL B 121 3.78 16.14 6.12
CA VAL B 121 5.12 15.71 6.51
C VAL B 121 5.40 16.18 7.92
N CYS B 122 5.80 15.24 8.77
CA CYS B 122 5.95 15.50 10.20
C CYS B 122 6.99 14.54 10.76
N GLN B 123 7.53 14.91 11.92
CA GLN B 123 8.46 14.06 12.63
C GLN B 123 7.75 12.83 13.22
N ALA B 124 8.51 11.75 13.37
CA ALA B 124 7.97 10.47 13.81
C ALA B 124 7.26 10.53 15.17
N GLY B 125 7.67 11.42 16.07
CA GLY B 125 7.06 11.47 17.37
C GLY B 125 5.83 12.34 17.54
N CYS B 126 5.28 12.90 16.46
CA CYS B 126 4.00 13.58 16.53
C CYS B 126 2.88 12.62 16.95
N VAL B 127 2.09 13.04 17.93
CA VAL B 127 1.04 12.19 18.49
C VAL B 127 -0.15 12.18 17.53
N LEU B 128 -0.66 10.98 17.24
CA LEU B 128 -1.71 10.83 16.22
C LEU B 128 -2.89 11.77 16.45
N GLU B 129 -3.38 11.86 17.69
CA GLU B 129 -4.54 12.70 17.95
C GLU B 129 -4.22 14.16 17.67
N GLU B 130 -2.98 14.56 17.94
CA GLU B 130 -2.55 15.93 17.70
C GLU B 130 -2.45 16.22 16.20
N LEU B 131 -1.94 15.25 15.44
CA LEU B 131 -1.96 15.36 13.98
C LEU B 131 -3.37 15.43 13.42
N SER B 132 -4.29 14.65 14.00
CA SER B 132 -5.69 14.71 13.57
C SER B 132 -6.28 16.09 13.82
N ARG B 133 -6.04 16.65 15.01
CA ARG B 133 -6.49 18.01 15.30
C ARG B 133 -5.91 19.03 14.33
N TYR B 134 -4.64 18.88 13.98
CA TYR B 134 -3.99 19.82 13.07
C TYR B 134 -4.60 19.77 11.67
N VAL B 135 -4.73 18.57 11.10
CA VAL B 135 -5.28 18.47 9.74
C VAL B 135 -6.79 18.75 9.68
N GLU B 136 -7.55 18.36 10.72
CA GLU B 136 -8.98 18.64 10.72
C GLU B 136 -9.29 20.12 10.74
N GLU B 137 -8.48 20.93 11.45
CA GLU B 137 -8.59 22.37 11.31
C GLU B 137 -8.47 22.82 9.86
N ARG B 138 -7.73 22.08 9.03
CA ARG B 138 -7.60 22.38 7.62
C ARG B 138 -8.48 21.49 6.75
N ASP B 139 -9.47 20.82 7.35
CA ASP B 139 -10.46 19.99 6.63
C ASP B 139 -9.84 18.76 5.96
N PHE B 140 -8.85 18.16 6.61
CA PHE B 140 -8.42 16.83 6.21
C PHE B 140 -8.48 15.94 7.43
N ILE B 141 -8.30 14.63 7.23
CA ILE B 141 -8.21 13.70 8.34
C ILE B 141 -7.00 12.80 8.15
N MET B 142 -6.58 12.17 9.24
CA MET B 142 -5.57 11.13 9.14
C MET B 142 -6.18 9.88 8.53
N PRO B 143 -5.46 9.17 7.67
CA PRO B 143 -6.01 7.94 7.07
C PRO B 143 -6.16 6.78 8.04
N LEU B 144 -5.72 6.92 9.29
CA LEU B 144 -5.89 5.87 10.29
C LEU B 144 -6.28 6.51 11.61
N ASP B 145 -6.97 5.72 12.44
CA ASP B 145 -7.31 6.13 13.79
C ASP B 145 -7.38 4.90 14.67
N LEU B 146 -7.05 5.06 15.95
CA LEU B 146 -7.15 3.95 16.87
C LEU B 146 -7.28 4.46 18.30
N GLY B 147 -7.77 3.57 19.17
CA GLY B 147 -8.01 3.92 20.57
C GLY B 147 -6.82 4.51 21.28
N ALA B 148 -5.60 4.19 20.83
CA ALA B 148 -4.37 4.75 21.37
C ALA B 148 -4.04 6.14 20.85
N LYS B 149 -4.90 6.74 20.01
CA LYS B 149 -4.59 8.00 19.33
C LYS B 149 -3.97 9.03 20.28
N GLY B 150 -4.42 9.07 21.53
CA GLY B 150 -3.91 10.05 22.49
C GLY B 150 -2.46 9.88 22.88
N SER B 151 -1.87 8.71 22.64
CA SER B 151 -0.50 8.48 23.07
C SER B 151 0.43 8.00 21.96
N CYS B 152 -0.11 7.29 20.98
CA CYS B 152 0.74 6.67 19.97
C CYS B 152 1.35 7.72 19.05
N HIS B 153 2.56 7.44 18.59
CA HIS B 153 3.29 8.30 17.67
C HIS B 153 3.12 7.79 16.25
N ILE B 154 3.08 8.72 15.29
CA ILE B 154 2.97 8.34 13.88
C ILE B 154 4.11 7.42 13.47
N GLY B 155 5.31 7.63 14.02
CA GLY B 155 6.42 6.72 13.74
C GLY B 155 6.16 5.32 14.26
N GLY B 156 5.58 5.21 15.45
CA GLY B 156 5.14 3.91 15.96
C GLY B 156 4.12 3.24 15.08
N ASN B 157 3.10 3.99 14.65
CA ASN B 157 2.09 3.44 13.76
C ASN B 157 2.69 2.89 12.47
N VAL B 158 3.60 3.64 11.85
CA VAL B 158 4.29 3.15 10.66
C VAL B 158 5.13 1.92 10.98
N ALA B 159 5.89 1.96 12.08
CA ALA B 159 6.75 0.84 12.45
C ALA B 159 5.96 -0.43 12.73
N THR B 160 4.78 -0.31 13.33
CA THR B 160 3.93 -1.45 13.60
C THR B 160 2.98 -1.78 12.46
N ASN B 161 2.89 -0.91 11.44
CA ASN B 161 1.89 -0.98 10.38
C ASN B 161 0.48 -1.06 10.97
N ALA B 162 0.18 -0.08 11.83
CA ALA B 162 -1.09 -0.05 12.56
C ALA B 162 -2.29 -0.06 11.62
N GLY B 163 -3.30 -0.85 11.98
CA GLY B 163 -4.56 -0.92 11.26
C GLY B 163 -5.53 0.14 11.74
N GLY B 164 -6.47 -0.27 12.59
CA GLY B 164 -7.35 0.66 13.27
C GLY B 164 -8.75 0.74 12.68
N LEU B 165 -9.46 1.78 13.10
CA LEU B 165 -10.91 1.88 13.02
C LEU B 165 -11.42 2.36 11.67
N ARG B 166 -10.56 2.88 10.81
CA ARG B 166 -10.98 3.37 9.49
C ARG B 166 -10.19 2.68 8.38
N PHE B 167 -9.56 1.55 8.70
CA PHE B 167 -8.80 0.77 7.73
C PHE B 167 -9.69 0.31 6.58
N LEU B 168 -10.90 -0.14 6.90
CA LEU B 168 -11.88 -0.56 5.89
C LEU B 168 -12.10 0.48 4.80
N ARG B 169 -12.00 1.76 5.12
CA ARG B 169 -12.21 2.82 4.14
C ARG B 169 -10.93 3.31 3.47
N TYR B 170 -9.89 3.59 4.24
CA TYR B 170 -8.68 4.21 3.70
C TYR B 170 -7.52 3.24 3.52
N GLY B 171 -7.62 2.02 4.03
CA GLY B 171 -6.61 1.00 3.79
C GLY B 171 -5.32 1.12 4.59
N SER B 172 -4.35 0.31 4.15
CA SER B 172 -3.10 0.15 4.87
C SER B 172 -2.21 1.38 4.76
N LEU B 173 -1.35 1.53 5.77
CA LEU B 173 -0.24 2.48 5.71
C LEU B 173 0.72 2.18 4.56
N HIS B 174 0.82 0.92 4.16
CA HIS B 174 1.60 0.58 2.96
C HIS B 174 1.12 1.32 1.73
N GLY B 175 -0.16 1.72 1.70
CA GLY B 175 -0.67 2.58 0.65
C GLY B 175 -0.66 4.07 0.92
N THR B 176 -0.91 4.47 2.16
CA THR B 176 -1.10 5.89 2.46
C THR B 176 0.18 6.62 2.84
N VAL B 177 1.21 5.90 3.28
CA VAL B 177 2.51 6.52 3.51
C VAL B 177 3.18 6.79 2.17
N LEU B 178 3.50 8.06 1.90
CA LEU B 178 4.17 8.43 0.67
C LEU B 178 5.69 8.41 0.77
N GLY B 179 6.25 8.63 1.96
CA GLY B 179 7.70 8.65 2.11
C GLY B 179 8.09 8.62 3.56
N LEU B 180 9.33 8.19 3.80
CA LEU B 180 9.91 8.11 5.13
C LEU B 180 11.37 8.55 5.10
N GLU B 181 11.79 9.23 6.18
CA GLU B 181 13.21 9.35 6.50
C GLU B 181 13.52 8.37 7.62
N VAL B 182 14.55 7.55 7.42
CA VAL B 182 14.91 6.47 8.34
C VAL B 182 16.41 6.53 8.63
N VAL B 183 16.78 6.45 9.91
CA VAL B 183 18.17 6.34 10.31
C VAL B 183 18.47 4.87 10.54
N LEU B 184 19.49 4.37 9.84
CA LEU B 184 19.90 2.98 9.94
C LEU B 184 20.80 2.76 11.15
N ALA B 185 21.05 1.47 11.46
CA ALA B 185 21.78 1.10 12.66
C ALA B 185 23.14 1.76 12.76
N ASP B 186 23.84 1.90 11.63
CA ASP B 186 25.14 2.59 11.65
C ASP B 186 25.02 4.10 11.62
N GLY B 187 23.81 4.66 11.63
CA GLY B 187 23.60 6.09 11.63
C GLY B 187 23.43 6.72 10.27
N THR B 188 23.51 5.94 9.19
CA THR B 188 23.20 6.44 7.85
C THR B 188 21.76 6.94 7.78
N VAL B 189 21.60 8.18 7.32
CA VAL B 189 20.27 8.77 7.13
C VAL B 189 19.79 8.38 5.74
N LEU B 190 18.78 7.51 5.69
CA LEU B 190 18.16 7.08 4.44
C LEU B 190 17.01 8.02 4.10
N ASP B 191 17.15 8.76 3.00
CA ASP B 191 16.13 9.72 2.57
C ASP B 191 15.23 9.06 1.53
N CYS B 192 14.09 8.55 1.98
CA CYS B 192 13.03 8.07 1.08
C CYS B 192 11.80 8.96 1.23
N LEU B 193 12.02 10.26 1.50
CA LEU B 193 10.97 11.20 1.89
C LEU B 193 10.41 11.87 0.63
N THR B 194 9.75 11.05 -0.19
CA THR B 194 9.20 11.44 -1.49
C THR B 194 7.76 11.90 -1.34
N SER B 195 7.57 13.18 -1.02
CA SER B 195 6.20 13.64 -0.84
C SER B 195 5.46 13.80 -2.17
N LEU B 196 5.34 12.70 -2.92
CA LEU B 196 4.64 12.66 -4.20
C LEU B 196 3.62 11.54 -4.15
N ARG B 197 2.47 11.76 -4.78
CA ARG B 197 1.44 10.71 -4.84
C ARG B 197 1.94 9.48 -5.57
N LYS B 198 2.69 9.67 -6.66
CA LYS B 198 3.20 8.57 -7.47
C LYS B 198 4.66 8.82 -7.79
N ASP B 199 5.46 7.75 -7.75
CA ASP B 199 6.90 7.82 -8.01
C ASP B 199 7.49 6.43 -8.16
N ASN B 200 7.67 5.97 -9.40
CA ASN B 200 8.24 4.66 -9.65
C ASN B 200 9.68 4.75 -10.14
N THR B 201 10.54 5.41 -9.38
CA THR B 201 11.96 5.53 -9.74
C THR B 201 12.80 4.60 -8.86
N GLY B 202 12.66 3.31 -9.14
CA GLY B 202 13.39 2.28 -8.44
C GLY B 202 12.57 1.61 -7.35
N TYR B 203 13.29 0.88 -6.49
CA TYR B 203 12.64 0.09 -5.45
C TYR B 203 11.98 0.97 -4.40
N ASP B 204 10.83 0.50 -3.89
CA ASP B 204 10.04 1.21 -2.89
C ASP B 204 10.62 0.90 -1.51
N LEU B 205 11.78 1.51 -1.24
CA LEU B 205 12.56 1.18 -0.05
C LEU B 205 11.79 1.42 1.24
N LYS B 206 10.93 2.44 1.27
CA LYS B 206 10.16 2.75 2.47
C LYS B 206 9.30 1.57 2.93
N GLN B 207 8.85 0.73 2.00
CA GLN B 207 8.00 -0.40 2.35
C GLN B 207 8.67 -1.35 3.34
N LEU B 208 9.98 -1.53 3.26
CA LEU B 208 10.69 -2.38 4.21
C LEU B 208 10.55 -1.92 5.65
N PHE B 209 10.41 -0.62 5.87
CA PHE B 209 10.36 -0.09 7.23
C PHE B 209 8.95 0.01 7.78
N ILE B 210 7.93 -0.16 6.94
CA ILE B 210 6.55 -0.19 7.41
C ILE B 210 6.27 -1.61 7.92
N GLY B 211 6.03 -1.73 9.22
CA GLY B 211 5.82 -3.02 9.84
C GLY B 211 7.07 -3.75 10.29
N SER B 212 8.23 -3.10 10.21
CA SER B 212 9.50 -3.71 10.62
C SER B 212 9.81 -3.50 12.10
N GLU B 213 8.99 -2.72 12.81
CA GLU B 213 9.01 -2.64 14.28
C GLU B 213 10.39 -2.27 14.84
N GLY B 214 11.07 -1.36 14.16
CA GLY B 214 12.35 -0.85 14.64
C GLY B 214 13.52 -1.80 14.61
N THR B 215 13.41 -2.91 13.87
CA THR B 215 14.52 -3.84 13.73
C THR B 215 15.40 -3.57 12.52
N LEU B 216 14.95 -2.72 11.60
CA LEU B 216 15.71 -2.40 10.40
C LEU B 216 16.16 -0.94 10.34
N GLY B 217 15.61 -0.08 11.18
CA GLY B 217 16.00 1.31 11.21
C GLY B 217 15.01 2.09 12.05
N ILE B 218 15.37 3.33 12.35
CA ILE B 218 14.54 4.19 13.17
C ILE B 218 13.90 5.23 12.27
N ILE B 219 12.57 5.24 12.23
CA ILE B 219 11.83 6.21 11.43
C ILE B 219 11.88 7.55 12.13
N THR B 220 12.32 8.58 11.40
CA THR B 220 12.42 9.92 11.97
C THR B 220 11.46 10.93 11.36
N THR B 221 11.09 10.78 10.09
CA THR B 221 10.16 11.68 9.43
C THR B 221 9.21 10.87 8.58
N VAL B 222 7.95 11.29 8.54
CA VAL B 222 6.91 10.59 7.79
C VAL B 222 6.22 11.57 6.86
N SER B 223 5.98 11.12 5.63
CA SER B 223 5.13 11.81 4.67
C SER B 223 3.92 10.92 4.45
N ILE B 224 2.72 11.46 4.67
CA ILE B 224 1.49 10.69 4.68
C ILE B 224 0.37 11.42 3.95
N LEU B 225 -0.39 10.67 3.16
CA LEU B 225 -1.54 11.17 2.42
C LEU B 225 -2.78 11.25 3.32
N CYS B 226 -3.32 12.46 3.49
CA CYS B 226 -4.45 12.67 4.37
C CYS B 226 -5.71 12.78 3.55
N PRO B 227 -6.69 11.89 3.72
CA PRO B 227 -7.96 12.03 3.00
C PRO B 227 -8.65 13.33 3.37
N PRO B 228 -9.52 13.84 2.51
CA PRO B 228 -10.30 15.03 2.88
C PRO B 228 -11.24 14.73 4.04
N LYS B 229 -11.54 15.76 4.82
CA LYS B 229 -12.46 15.61 5.93
C LYS B 229 -13.87 15.46 5.37
N PRO B 230 -14.61 14.43 5.76
CA PRO B 230 -15.97 14.25 5.22
C PRO B 230 -16.90 15.37 5.63
N ARG B 231 -17.77 15.76 4.70
CA ARG B 231 -18.80 16.75 5.00
C ARG B 231 -19.81 16.21 6.00
N ALA B 232 -20.15 14.93 5.89
CA ALA B 232 -21.18 14.33 6.72
C ALA B 232 -20.66 13.04 7.31
N VAL B 233 -20.79 12.90 8.63
CA VAL B 233 -20.43 11.70 9.35
C VAL B 233 -21.65 11.22 10.12
N ASN B 234 -22.01 9.95 9.93
CA ASN B 234 -23.07 9.31 10.69
C ASN B 234 -22.51 8.10 11.42
N VAL B 235 -23.07 7.83 12.60
CA VAL B 235 -22.80 6.59 13.33
C VAL B 235 -24.12 5.93 13.70
N ALA B 236 -24.20 4.62 13.47
CA ALA B 236 -25.31 3.80 13.94
C ALA B 236 -24.77 2.74 14.89
N PHE B 237 -25.49 2.52 15.99
CA PHE B 237 -25.09 1.53 16.98
C PHE B 237 -26.27 0.57 17.17
N LEU B 238 -26.03 -0.72 16.92
CA LEU B 238 -27.10 -1.68 16.70
C LEU B 238 -26.89 -2.94 17.52
N GLY B 239 -27.99 -3.48 18.04
CA GLY B 239 -27.97 -4.77 18.70
C GLY B 239 -28.43 -5.86 17.75
N CYS B 240 -27.68 -6.96 17.72
CA CYS B 240 -27.99 -8.11 16.89
C CYS B 240 -28.24 -9.35 17.75
N PRO B 241 -29.23 -10.19 17.38
CA PRO B 241 -29.59 -11.31 18.25
C PRO B 241 -28.66 -12.51 18.11
N GLY B 242 -27.70 -12.46 17.20
CA GLY B 242 -26.71 -13.52 17.08
C GLY B 242 -25.64 -13.10 16.10
N PHE B 243 -24.56 -13.88 16.07
CA PHE B 243 -23.45 -13.56 15.18
C PHE B 243 -23.83 -13.74 13.71
N ALA B 244 -24.71 -14.69 13.41
CA ALA B 244 -25.19 -14.82 12.04
C ALA B 244 -25.83 -13.53 11.56
N GLU B 245 -26.64 -12.90 12.42
CA GLU B 245 -27.25 -11.63 12.05
C GLU B 245 -26.21 -10.52 11.93
N VAL B 246 -25.15 -10.56 12.75
CA VAL B 246 -24.05 -9.63 12.59
C VAL B 246 -23.45 -9.74 11.20
N LEU B 247 -23.18 -10.97 10.76
CA LEU B 247 -22.61 -11.18 9.42
C LEU B 247 -23.58 -10.71 8.34
N GLN B 248 -24.86 -11.01 8.50
CA GLN B 248 -25.85 -10.54 7.55
C GLN B 248 -26.04 -9.03 7.63
N THR B 249 -25.87 -8.45 8.82
CA THR B 249 -25.90 -6.99 8.93
C THR B 249 -24.73 -6.36 8.16
N PHE B 250 -23.55 -6.98 8.22
CA PHE B 250 -22.41 -6.52 7.44
C PHE B 250 -22.67 -6.63 5.94
N SER B 251 -23.05 -7.83 5.47
CA SER B 251 -23.40 -8.02 4.06
C SER B 251 -24.42 -6.99 3.59
N THR B 252 -25.51 -6.83 4.34
CA THR B 252 -26.52 -5.84 3.99
C THR B 252 -25.96 -4.42 4.01
N CYS B 253 -25.11 -4.13 5.00
CA CYS B 253 -24.50 -2.81 5.11
C CYS B 253 -23.66 -2.45 3.88
N LYS B 254 -22.79 -3.36 3.44
CA LYS B 254 -22.04 -3.12 2.21
C LYS B 254 -22.94 -2.96 1.00
N GLY B 255 -24.01 -3.76 0.91
CA GLY B 255 -24.90 -3.67 -0.22
C GLY B 255 -25.70 -2.39 -0.31
N MET B 256 -26.06 -1.79 0.82
CA MET B 256 -26.95 -0.64 0.79
C MET B 256 -26.26 0.69 1.06
N LEU B 257 -25.17 0.70 1.82
CA LEU B 257 -24.40 1.93 2.06
C LEU B 257 -23.22 2.06 1.11
N GLY B 258 -22.55 0.96 0.80
CA GLY B 258 -21.48 0.99 -0.19
C GLY B 258 -20.33 1.93 0.16
N GLU B 259 -20.00 2.79 -0.81
CA GLU B 259 -18.81 3.64 -0.72
C GLU B 259 -18.81 4.61 0.45
N ILE B 260 -19.96 4.92 1.06
CA ILE B 260 -19.94 5.81 2.21
C ILE B 260 -19.57 5.13 3.52
N LEU B 261 -19.53 3.80 3.56
CA LEU B 261 -19.11 3.09 4.77
C LEU B 261 -17.69 3.46 5.17
N SER B 262 -17.52 3.90 6.43
CA SER B 262 -16.20 4.21 6.95
C SER B 262 -15.76 3.38 8.16
N ALA B 263 -16.67 2.67 8.84
CA ALA B 263 -16.26 1.75 9.88
C ALA B 263 -17.33 0.71 10.11
N PHE B 264 -16.89 -0.50 10.43
CA PHE B 264 -17.77 -1.57 10.90
C PHE B 264 -17.09 -2.32 12.04
N GLU B 265 -17.59 -2.15 13.25
CA GLU B 265 -16.99 -2.77 14.43
C GLU B 265 -18.05 -3.57 15.14
N PHE B 266 -17.65 -4.70 15.70
CA PHE B 266 -18.54 -5.47 16.58
C PHE B 266 -17.93 -5.64 17.96
N MET B 267 -18.81 -5.94 18.91
CA MET B 267 -18.43 -6.30 20.26
C MET B 267 -19.52 -7.19 20.82
N ASP B 268 -19.18 -7.99 21.81
CA ASP B 268 -20.15 -8.90 22.39
C ASP B 268 -20.74 -8.33 23.67
N ALA B 269 -21.73 -9.04 24.20
CA ALA B 269 -22.42 -8.60 25.42
C ALA B 269 -21.46 -8.38 26.59
N VAL B 270 -20.48 -9.26 26.76
CA VAL B 270 -19.54 -9.12 27.86
C VAL B 270 -18.70 -7.85 27.73
N CYS B 271 -18.24 -7.52 26.52
CA CYS B 271 -17.59 -6.24 26.28
C CYS B 271 -18.44 -5.07 26.77
N MET B 272 -19.72 -5.06 26.40
CA MET B 272 -20.60 -3.97 26.81
C MET B 272 -20.71 -3.91 28.32
N GLN B 273 -20.81 -5.08 28.98
CA GLN B 273 -20.90 -5.10 30.43
C GLN B 273 -19.65 -4.53 31.09
N LEU B 274 -18.47 -4.88 30.58
CA LEU B 274 -17.24 -4.42 31.20
C LEU B 274 -17.01 -2.91 31.01
N VAL B 275 -17.27 -2.38 29.82
CA VAL B 275 -17.16 -0.93 29.63
C VAL B 275 -18.14 -0.19 30.54
N GLY B 276 -19.35 -0.71 30.67
CA GLY B 276 -20.30 -0.17 31.63
C GLY B 276 -19.86 -0.32 33.08
N ARG B 277 -19.31 -1.49 33.42
CA ARG B 277 -18.99 -1.76 34.83
C ARG B 277 -17.76 -1.00 35.30
N HIS B 278 -16.75 -0.86 34.45
CA HIS B 278 -15.51 -0.22 34.88
C HIS B 278 -15.43 1.26 34.54
N LEU B 279 -16.00 1.66 33.40
CA LEU B 279 -15.97 3.04 32.94
C LEU B 279 -17.33 3.74 33.02
N HIS B 280 -18.36 3.04 33.51
CA HIS B 280 -19.69 3.63 33.76
C HIS B 280 -20.36 4.21 32.52
N LEU B 281 -20.19 3.55 31.37
CA LEU B 281 -20.83 3.98 30.13
C LEU B 281 -22.08 3.14 29.89
N ALA B 282 -23.25 3.77 30.01
CA ALA B 282 -24.53 3.09 29.84
C ALA B 282 -24.79 2.72 28.38
N SER B 283 -25.44 1.57 28.17
CA SER B 283 -25.75 1.14 26.80
C SER B 283 -26.96 1.89 26.27
N PRO B 284 -26.89 2.45 25.05
CA PRO B 284 -28.02 3.17 24.46
C PRO B 284 -29.02 2.32 23.70
N VAL B 285 -28.83 1.01 23.63
CA VAL B 285 -29.76 0.09 22.97
C VAL B 285 -30.13 -1.02 23.93
N GLN B 286 -31.18 -1.75 23.58
CA GLN B 286 -31.60 -2.89 24.39
C GLN B 286 -30.48 -3.93 24.48
N GLU B 287 -30.50 -4.68 25.58
CA GLU B 287 -29.49 -5.70 25.82
C GLU B 287 -29.52 -6.76 24.72
N SER B 288 -28.36 -7.07 24.19
CA SER B 288 -28.21 -7.97 23.05
C SER B 288 -26.92 -8.77 23.24
N PRO B 289 -26.83 -9.94 22.61
CA PRO B 289 -25.57 -10.72 22.71
C PRO B 289 -24.46 -10.18 21.84
N PHE B 290 -24.77 -9.37 20.84
CA PHE B 290 -23.76 -8.75 20.00
C PHE B 290 -24.17 -7.32 19.73
N TYR B 291 -23.18 -6.46 19.52
CA TYR B 291 -23.42 -5.08 19.11
C TYR B 291 -22.55 -4.76 17.91
N VAL B 292 -23.01 -3.81 17.12
CA VAL B 292 -22.34 -3.41 15.89
C VAL B 292 -22.32 -1.89 15.84
N LEU B 293 -21.15 -1.32 15.58
CA LEU B 293 -21.01 0.11 15.34
C LEU B 293 -20.68 0.31 13.87
N ILE B 294 -21.48 1.15 13.19
CA ILE B 294 -21.29 1.48 11.79
C ILE B 294 -21.08 2.99 11.72
N GLU B 295 -20.06 3.40 10.98
CA GLU B 295 -19.84 4.80 10.67
C GLU B 295 -19.94 4.99 9.16
N THR B 296 -20.54 6.11 8.74
CA THR B 296 -20.47 6.54 7.36
C THR B 296 -19.88 7.94 7.23
N SER B 297 -19.21 8.16 6.10
CA SER B 297 -18.53 9.42 5.79
C SER B 297 -18.80 9.73 4.33
N GLY B 298 -19.40 10.89 4.05
CA GLY B 298 -19.69 11.19 2.67
C GLY B 298 -19.83 12.67 2.41
N SER B 299 -20.02 12.97 1.12
CA SER B 299 -20.04 14.35 0.67
C SER B 299 -21.41 15.00 0.83
N ASN B 300 -22.49 14.23 0.79
CA ASN B 300 -23.85 14.78 0.81
C ASN B 300 -24.62 14.18 1.98
N ALA B 301 -24.90 15.03 2.98
CA ALA B 301 -25.64 14.60 4.16
C ALA B 301 -26.97 13.96 3.79
N GLY B 302 -27.77 14.67 2.99
CA GLY B 302 -29.05 14.13 2.53
C GLY B 302 -28.96 12.75 1.89
N HIS B 303 -27.99 12.56 0.99
CA HIS B 303 -27.85 11.26 0.35
C HIS B 303 -27.43 10.17 1.35
N ASP B 304 -26.48 10.49 2.23
CA ASP B 304 -26.05 9.53 3.23
C ASP B 304 -27.19 9.18 4.19
N ALA B 305 -28.00 10.17 4.55
CA ALA B 305 -29.16 9.91 5.40
C ALA B 305 -30.16 9.00 4.72
N GLU B 306 -30.44 9.22 3.44
CA GLU B 306 -31.34 8.33 2.71
C GLU B 306 -30.80 6.90 2.66
N LYS B 307 -29.52 6.73 2.32
CA LYS B 307 -28.91 5.41 2.33
C LYS B 307 -29.02 4.73 3.69
N LEU B 308 -28.66 5.45 4.75
CA LEU B 308 -28.75 4.89 6.11
C LEU B 308 -30.17 4.60 6.52
N GLY B 309 -31.10 5.52 6.24
CA GLY B 309 -32.50 5.29 6.57
C GLY B 309 -33.03 4.00 5.97
N HIS B 310 -32.77 3.78 4.69
CA HIS B 310 -33.21 2.56 4.02
C HIS B 310 -32.49 1.33 4.59
N PHE B 311 -31.19 1.44 4.88
CA PHE B 311 -30.45 0.31 5.47
C PHE B 311 -31.08 -0.13 6.79
N LEU B 312 -31.39 0.81 7.69
CA LEU B 312 -31.96 0.41 8.97
C LEU B 312 -33.34 -0.20 8.76
N GLU B 313 -34.19 0.49 7.99
CA GLU B 313 -35.48 -0.06 7.57
C GLU B 313 -35.35 -1.52 7.15
N HIS B 314 -34.44 -1.80 6.23
CA HIS B 314 -34.28 -3.18 5.76
C HIS B 314 -33.73 -4.08 6.87
N ALA B 315 -32.74 -3.59 7.64
CA ALA B 315 -32.18 -4.37 8.75
C ALA B 315 -33.22 -4.71 9.82
N LEU B 316 -33.98 -3.71 10.28
CA LEU B 316 -35.05 -3.97 11.25
C LEU B 316 -36.15 -4.84 10.64
N GLY B 317 -36.44 -4.63 9.37
CA GLY B 317 -37.48 -5.39 8.71
C GLY B 317 -37.20 -6.89 8.71
N SER B 318 -35.99 -7.27 8.31
CA SER B 318 -35.64 -8.67 8.22
C SER B 318 -35.11 -9.27 9.53
N GLY B 319 -35.23 -8.55 10.65
CA GLY B 319 -34.84 -9.13 11.92
C GLY B 319 -33.37 -9.29 12.16
N LEU B 320 -32.52 -8.66 11.34
CA LEU B 320 -31.08 -8.70 11.55
C LEU B 320 -30.65 -7.90 12.77
N VAL B 321 -31.34 -6.81 13.06
CA VAL B 321 -31.07 -5.92 14.16
C VAL B 321 -32.32 -5.86 15.05
N THR B 322 -32.12 -6.00 16.36
CA THR B 322 -33.26 -5.93 17.26
C THR B 322 -33.51 -4.52 17.79
N ASP B 323 -32.47 -3.75 18.05
CA ASP B 323 -32.62 -2.35 18.44
C ASP B 323 -31.43 -1.57 17.92
N GLY B 324 -31.65 -0.30 17.61
CA GLY B 324 -30.59 0.52 17.03
C GLY B 324 -30.82 1.99 17.28
N THR B 325 -29.72 2.74 17.30
CA THR B 325 -29.76 4.19 17.43
C THR B 325 -28.72 4.81 16.49
N MET B 326 -29.00 6.03 16.07
CA MET B 326 -28.18 6.80 15.14
C MET B 326 -27.94 8.19 15.68
N ALA B 327 -26.78 8.74 15.35
CA ALA B 327 -26.44 10.09 15.78
C ALA B 327 -25.64 10.79 14.69
N THR B 328 -25.88 12.11 14.58
CA THR B 328 -25.01 12.99 13.82
C THR B 328 -24.34 14.06 14.68
N ASP B 329 -24.92 14.40 15.83
CA ASP B 329 -24.32 15.39 16.73
C ASP B 329 -22.94 14.90 17.18
N GLN B 330 -21.93 15.75 16.97
CA GLN B 330 -20.54 15.39 17.26
C GLN B 330 -20.36 14.79 18.66
N ARG B 331 -20.99 15.41 19.67
CA ARG B 331 -20.94 14.87 21.03
C ARG B 331 -21.48 13.45 21.11
N LYS B 332 -22.66 13.21 20.51
CA LYS B 332 -23.28 11.89 20.60
C LYS B 332 -22.52 10.85 19.79
N VAL B 333 -21.98 11.24 18.63
CA VAL B 333 -21.13 10.34 17.84
C VAL B 333 -19.95 9.83 18.67
N LYS B 334 -19.25 10.73 19.36
CA LYS B 334 -18.13 10.32 20.20
C LYS B 334 -18.56 9.39 21.33
N MET B 335 -19.70 9.66 21.96
CA MET B 335 -20.21 8.76 22.99
C MET B 335 -20.39 7.33 22.48
N LEU B 336 -20.99 7.19 21.30
CA LEU B 336 -21.17 5.84 20.73
C LEU B 336 -19.83 5.19 20.44
N TRP B 337 -18.92 5.95 19.80
CA TRP B 337 -17.57 5.45 19.54
C TRP B 337 -16.82 5.05 20.81
N ALA B 338 -17.05 5.76 21.92
CA ALA B 338 -16.39 5.42 23.18
C ALA B 338 -16.68 3.99 23.62
N LEU B 339 -17.89 3.49 23.35
CA LEU B 339 -18.27 2.14 23.76
C LEU B 339 -17.37 1.08 23.12
N ARG B 340 -16.92 1.32 21.89
CA ARG B 340 -15.98 0.44 21.21
C ARG B 340 -14.52 0.75 21.53
N GLU B 341 -14.15 2.03 21.50
CA GLU B 341 -12.75 2.41 21.66
C GLU B 341 -12.20 2.02 23.04
N ARG B 342 -13.03 2.09 24.08
CA ARG B 342 -12.58 1.91 25.45
C ARG B 342 -12.67 0.47 25.95
N ILE B 343 -12.98 -0.49 25.07
CA ILE B 343 -13.04 -1.89 25.48
C ILE B 343 -11.69 -2.32 26.01
N THR B 344 -10.63 -1.98 25.28
CA THR B 344 -9.28 -2.42 25.64
C THR B 344 -8.86 -1.91 27.01
N GLU B 345 -9.22 -0.67 27.35
CA GLU B 345 -8.96 -0.15 28.69
C GLU B 345 -9.72 -0.93 29.76
N ALA B 346 -11.01 -1.17 29.52
CA ALA B 346 -11.85 -1.89 30.47
C ALA B 346 -11.34 -3.31 30.75
N LEU B 347 -10.83 -3.98 29.72
CA LEU B 347 -10.28 -5.32 29.92
C LEU B 347 -9.11 -5.33 30.90
N SER B 348 -8.16 -4.40 30.76
CA SER B 348 -7.00 -4.42 31.65
C SER B 348 -7.31 -4.02 33.09
N ARG B 349 -8.40 -3.29 33.32
CA ARG B 349 -8.90 -3.04 34.68
C ARG B 349 -9.62 -4.23 35.28
N ASP B 350 -10.09 -5.18 34.47
CA ASP B 350 -10.83 -6.33 34.98
C ASP B 350 -9.90 -7.39 35.57
N GLY B 351 -8.65 -7.41 35.17
CA GLY B 351 -7.70 -8.36 35.71
C GLY B 351 -6.51 -8.53 34.79
N TYR B 352 -5.87 -9.69 34.90
CA TYR B 352 -4.82 -10.05 33.97
C TYR B 352 -5.45 -10.39 32.63
N VAL B 353 -4.85 -9.89 31.55
CA VAL B 353 -5.42 -10.01 30.22
C VAL B 353 -4.52 -10.89 29.35
N TYR B 354 -5.10 -11.94 28.80
CA TYR B 354 -4.48 -12.72 27.73
C TYR B 354 -5.03 -12.19 26.42
N LYS B 355 -4.15 -11.72 25.55
CA LYS B 355 -4.56 -10.96 24.38
C LYS B 355 -4.11 -11.67 23.11
N TYR B 356 -5.03 -11.84 22.18
CA TYR B 356 -4.77 -12.45 20.88
C TYR B 356 -5.42 -11.61 19.80
N ASP B 357 -4.69 -11.41 18.71
CA ASP B 357 -5.09 -10.51 17.63
C ASP B 357 -5.01 -11.29 16.33
N LEU B 358 -6.15 -11.81 15.86
CA LEU B 358 -6.18 -12.85 14.84
C LEU B 358 -6.97 -12.39 13.62
N SER B 359 -6.46 -12.76 12.44
CA SER B 359 -7.22 -12.68 11.19
C SER B 359 -7.77 -14.07 10.90
N LEU B 360 -9.08 -14.15 10.70
CA LEU B 360 -9.75 -15.41 10.40
C LEU B 360 -10.80 -15.20 9.33
N PRO B 361 -11.26 -16.28 8.68
CA PRO B 361 -12.44 -16.19 7.82
C PRO B 361 -13.62 -15.57 8.56
N VAL B 362 -14.18 -14.50 8.00
CA VAL B 362 -15.21 -13.72 8.69
C VAL B 362 -16.37 -14.59 9.13
N GLU B 363 -16.76 -15.57 8.30
CA GLU B 363 -17.84 -16.50 8.63
C GLU B 363 -17.58 -17.29 9.91
N ARG B 364 -16.34 -17.44 10.35
CA ARG B 364 -16.06 -18.19 11.57
C ARG B 364 -15.32 -17.36 12.60
N LEU B 365 -15.44 -16.03 12.52
CA LEU B 365 -14.64 -15.14 13.33
C LEU B 365 -14.88 -15.33 14.83
N TYR B 366 -16.12 -15.62 15.22
CA TYR B 366 -16.48 -15.70 16.64
C TYR B 366 -16.39 -17.11 17.20
N ASP B 367 -16.22 -18.12 16.35
CA ASP B 367 -16.18 -19.51 16.79
C ASP B 367 -15.23 -19.70 17.97
N ILE B 368 -14.01 -19.18 17.85
CA ILE B 368 -12.99 -19.33 18.90
C ILE B 368 -13.47 -18.80 20.25
N VAL B 369 -14.30 -17.76 20.27
CA VAL B 369 -14.77 -17.21 21.54
C VAL B 369 -15.71 -18.19 22.24
N THR B 370 -16.69 -18.71 21.50
CA THR B 370 -17.58 -19.74 22.05
C THR B 370 -16.77 -20.94 22.55
N ASP B 371 -15.85 -21.44 21.72
CA ASP B 371 -15.01 -22.56 22.09
C ASP B 371 -14.26 -22.32 23.39
N LEU B 372 -13.57 -21.18 23.50
CA LEU B 372 -12.74 -20.94 24.67
C LEU B 372 -13.60 -20.78 25.93
N ARG B 373 -14.77 -20.16 25.82
CA ARG B 373 -15.72 -20.13 26.93
C ARG B 373 -16.06 -21.53 27.42
N ALA B 374 -16.12 -22.49 26.51
CA ALA B 374 -16.38 -23.87 26.92
C ALA B 374 -15.13 -24.57 27.41
N ARG B 375 -14.01 -24.41 26.69
CA ARG B 375 -12.76 -25.08 27.04
C ARG B 375 -12.24 -24.64 28.40
N LEU B 376 -12.18 -23.34 28.63
CA LEU B 376 -11.90 -22.85 29.96
C LEU B 376 -13.18 -22.92 30.79
N GLY B 377 -13.05 -22.68 32.09
CA GLY B 377 -14.19 -22.72 32.96
C GLY B 377 -14.32 -21.52 33.88
N PRO B 378 -14.42 -21.74 35.20
CA PRO B 378 -14.28 -20.61 36.11
C PRO B 378 -12.87 -20.09 36.24
N HIS B 379 -11.88 -20.69 35.59
CA HIS B 379 -10.54 -20.10 35.58
C HIS B 379 -10.46 -18.78 34.80
N ALA B 380 -11.19 -18.66 33.70
CA ALA B 380 -11.37 -17.36 33.05
C ALA B 380 -12.43 -16.53 33.77
N LYS B 381 -12.06 -15.33 34.21
CA LYS B 381 -13.05 -14.41 34.75
C LYS B 381 -14.05 -13.97 33.69
N HIS B 382 -13.56 -13.53 32.54
CA HIS B 382 -14.40 -13.32 31.36
C HIS B 382 -13.63 -13.66 30.10
N VAL B 383 -14.36 -14.00 29.04
CA VAL B 383 -13.82 -14.15 27.69
C VAL B 383 -14.65 -13.25 26.78
N VAL B 384 -13.97 -12.47 25.93
CA VAL B 384 -14.64 -11.59 24.99
C VAL B 384 -14.07 -11.75 23.58
N GLY B 385 -14.91 -11.39 22.60
CA GLY B 385 -14.51 -11.23 21.22
C GLY B 385 -15.03 -9.91 20.69
N TYR B 386 -14.17 -9.14 20.02
CA TYR B 386 -14.59 -7.89 19.40
C TYR B 386 -13.61 -7.54 18.29
N GLY B 387 -13.95 -6.50 17.53
CA GLY B 387 -12.98 -5.81 16.70
C GLY B 387 -13.41 -5.60 15.26
N HIS B 388 -12.44 -5.62 14.34
CA HIS B 388 -12.59 -5.10 12.98
C HIS B 388 -13.14 -6.19 12.07
N LEU B 389 -14.44 -6.44 12.20
CA LEU B 389 -15.08 -7.54 11.48
C LEU B 389 -15.00 -7.31 9.97
N GLY B 390 -15.17 -6.06 9.53
CA GLY B 390 -15.04 -5.77 8.10
C GLY B 390 -13.70 -6.18 7.51
N ASP B 391 -12.65 -6.20 8.33
CA ASP B 391 -11.33 -6.60 7.87
C ASP B 391 -10.98 -8.03 8.24
N GLY B 392 -11.93 -8.79 8.79
CA GLY B 392 -11.63 -10.14 9.20
C GLY B 392 -10.77 -10.24 10.43
N ASN B 393 -10.79 -9.24 11.30
CA ASN B 393 -9.82 -9.12 12.38
C ASN B 393 -10.57 -9.24 13.70
N LEU B 394 -10.25 -10.30 14.44
CA LEU B 394 -10.80 -10.54 15.78
C LEU B 394 -9.80 -10.13 16.85
N HIS B 395 -10.29 -9.40 17.84
CA HIS B 395 -9.54 -9.22 19.09
C HIS B 395 -10.08 -10.19 20.14
N LEU B 396 -9.29 -11.21 20.44
CA LEU B 396 -9.65 -12.22 21.43
C LEU B 396 -8.95 -11.86 22.74
N ASN B 397 -9.72 -11.77 23.82
CA ASN B 397 -9.12 -11.51 25.11
C ASN B 397 -9.74 -12.41 26.16
N VAL B 398 -8.91 -12.87 27.10
CA VAL B 398 -9.36 -13.62 28.26
C VAL B 398 -8.85 -12.89 29.49
N THR B 399 -9.74 -12.64 30.45
CA THR B 399 -9.35 -11.98 31.68
C THR B 399 -9.39 -12.96 32.84
N ALA B 400 -8.55 -12.71 33.85
CA ALA B 400 -8.54 -13.52 35.05
C ALA B 400 -8.02 -12.67 36.21
N GLU B 401 -8.31 -13.14 37.42
CA GLU B 401 -7.87 -12.44 38.62
C GLU B 401 -6.35 -12.35 38.67
N ALA B 402 -5.67 -13.39 38.19
CA ALA B 402 -4.22 -13.40 38.13
C ALA B 402 -3.79 -14.31 36.99
N PHE B 403 -2.57 -14.06 36.51
CA PHE B 403 -1.94 -14.99 35.57
C PHE B 403 -1.86 -16.38 36.17
N SER B 404 -2.08 -17.38 35.33
CA SER B 404 -1.80 -18.73 35.77
C SER B 404 -1.20 -19.54 34.64
N PRO B 405 -0.20 -20.38 34.96
CA PRO B 405 0.40 -21.25 33.94
C PRO B 405 -0.59 -22.23 33.34
N SER B 406 -1.52 -22.73 34.14
CA SER B 406 -2.53 -23.66 33.64
C SER B 406 -3.38 -23.02 32.54
N LEU B 407 -3.84 -21.78 32.74
CA LEU B 407 -4.65 -21.12 31.71
C LEU B 407 -3.85 -20.85 30.44
N LEU B 408 -2.65 -20.31 30.60
CA LEU B 408 -1.79 -20.13 29.43
C LEU B 408 -1.61 -21.43 28.68
N ALA B 409 -1.44 -22.54 29.39
CA ALA B 409 -1.30 -23.84 28.72
C ALA B 409 -2.56 -24.28 28.01
N ALA B 410 -3.74 -23.94 28.54
CA ALA B 410 -4.99 -24.20 27.83
C ALA B 410 -5.15 -23.32 26.60
N LEU B 411 -4.69 -22.07 26.66
CA LEU B 411 -4.84 -21.14 25.55
C LEU B 411 -3.84 -21.43 24.44
N GLU B 412 -2.62 -21.79 24.79
CA GLU B 412 -1.52 -21.93 23.85
C GLU B 412 -0.91 -23.31 23.95
N PRO B 413 -0.63 -23.98 22.82
CA PRO B 413 -0.74 -23.44 21.45
C PRO B 413 -2.12 -23.56 20.82
N HIS B 414 -3.12 -23.95 21.59
CA HIS B 414 -4.45 -24.25 21.04
C HIS B 414 -4.98 -23.12 20.15
N VAL B 415 -4.89 -21.87 20.63
CA VAL B 415 -5.39 -20.74 19.85
C VAL B 415 -4.62 -20.57 18.55
N TYR B 416 -3.29 -20.77 18.60
CA TYR B 416 -2.47 -20.66 17.40
C TYR B 416 -2.70 -21.82 16.44
N GLU B 417 -3.03 -23.01 16.96
CA GLU B 417 -3.33 -24.12 16.07
C GLU B 417 -4.67 -23.91 15.37
N TRP B 418 -5.68 -23.44 16.11
CA TRP B 418 -6.95 -23.04 15.51
C TRP B 418 -6.74 -22.09 14.34
N THR B 419 -5.93 -21.05 14.53
CA THR B 419 -5.71 -20.03 13.52
C THR B 419 -5.01 -20.60 12.29
N ALA B 420 -4.00 -21.44 12.49
CA ALA B 420 -3.36 -22.10 11.35
C ALA B 420 -4.34 -23.01 10.62
N GLY B 421 -5.19 -23.72 11.37
CA GLY B 421 -6.27 -24.49 10.78
C GLY B 421 -7.20 -23.68 9.89
N GLN B 422 -7.36 -22.39 10.17
CA GLN B 422 -8.18 -21.52 9.34
C GLN B 422 -7.37 -20.75 8.30
N GLN B 423 -6.09 -21.10 8.15
CA GLN B 423 -5.12 -20.34 7.34
C GLN B 423 -5.14 -18.86 7.68
N GLY B 424 -5.22 -18.55 8.98
CA GLY B 424 -5.31 -17.19 9.46
C GLY B 424 -3.96 -16.59 9.88
N SER B 425 -4.01 -15.34 10.31
CA SER B 425 -2.86 -14.64 10.85
C SER B 425 -2.94 -14.63 12.38
N VAL B 426 -1.88 -15.11 13.03
CA VAL B 426 -1.73 -14.99 14.49
C VAL B 426 -1.36 -13.59 14.99
N SER B 427 -1.08 -12.64 14.10
CA SER B 427 -0.99 -11.24 14.54
C SER B 427 -1.43 -10.33 13.40
N ALA B 428 -2.72 -10.00 13.39
CA ALA B 428 -3.30 -9.27 12.28
C ALA B 428 -2.70 -7.86 12.16
N GLU B 429 -2.65 -7.12 13.26
CA GLU B 429 -2.18 -5.73 13.20
C GLU B 429 -1.17 -5.34 14.28
N HIS B 430 -1.31 -5.90 15.48
CA HIS B 430 -0.43 -5.53 16.60
C HIS B 430 1.04 -5.86 16.35
N GLY B 431 1.32 -6.82 15.48
CA GLY B 431 2.68 -7.15 15.13
C GLY B 431 3.25 -8.25 16.01
N VAL B 432 4.58 -8.37 15.96
CA VAL B 432 5.26 -9.53 16.51
C VAL B 432 5.94 -9.16 17.83
N GLY B 433 6.96 -8.31 17.73
CA GLY B 433 7.72 -7.88 18.91
C GLY B 433 8.37 -9.04 19.64
N PHE B 434 8.39 -8.93 20.98
CA PHE B 434 8.96 -9.97 21.82
C PHE B 434 8.00 -11.15 22.01
N ARG B 435 6.72 -10.86 22.21
CA ARG B 435 5.75 -11.88 22.61
C ARG B 435 5.50 -12.94 21.55
N LYS B 436 5.42 -12.55 20.29
CA LYS B 436 5.03 -13.45 19.22
C LYS B 436 6.18 -13.90 18.32
N ARG B 437 7.43 -13.61 18.69
CA ARG B 437 8.56 -13.92 17.83
C ARG B 437 8.64 -15.40 17.50
N ASP B 438 8.21 -16.26 18.42
CA ASP B 438 8.27 -17.71 18.22
C ASP B 438 6.95 -18.35 17.79
N VAL B 439 5.96 -17.57 17.36
CA VAL B 439 4.73 -18.15 16.82
C VAL B 439 4.50 -17.77 15.35
N LEU B 440 5.55 -17.35 14.65
CA LEU B 440 5.38 -16.98 13.24
C LEU B 440 5.17 -18.18 12.33
N GLY B 441 5.67 -19.36 12.72
CA GLY B 441 5.45 -20.56 11.91
C GLY B 441 4.00 -20.89 11.63
N TYR B 442 3.08 -20.49 12.51
CA TYR B 442 1.65 -20.64 12.25
C TYR B 442 1.14 -19.79 11.09
N SER B 443 1.86 -18.74 10.69
CA SER B 443 1.40 -17.89 9.60
C SER B 443 2.39 -17.69 8.47
N LYS B 444 3.66 -18.03 8.64
CA LYS B 444 4.64 -17.74 7.61
C LYS B 444 5.53 -18.96 7.38
N PRO B 445 5.83 -19.29 6.12
CA PRO B 445 6.63 -20.47 5.83
C PRO B 445 8.10 -20.23 6.13
N PRO B 446 8.88 -21.31 6.29
CA PRO B 446 10.30 -21.15 6.65
C PRO B 446 11.09 -20.27 5.69
N GLY B 447 10.90 -20.44 4.38
CA GLY B 447 11.66 -19.66 3.42
C GLY B 447 11.41 -18.16 3.54
N ALA B 448 10.17 -17.76 3.79
CA ALA B 448 9.88 -16.35 4.05
C ALA B 448 10.59 -15.87 5.30
N LEU B 449 10.53 -16.65 6.37
CA LEU B 449 11.22 -16.30 7.62
C LEU B 449 12.72 -16.16 7.42
N GLN B 450 13.31 -16.95 6.53
CA GLN B 450 14.74 -16.83 6.26
C GLN B 450 15.08 -15.53 5.57
N LEU B 451 14.30 -15.15 4.55
CA LEU B 451 14.58 -13.90 3.85
C LEU B 451 14.52 -12.68 4.77
N MET B 452 13.60 -12.69 5.74
CA MET B 452 13.56 -11.62 6.73
C MET B 452 14.85 -11.54 7.54
N GLN B 453 15.39 -12.70 7.94
CA GLN B 453 16.65 -12.71 8.67
C GLN B 453 17.81 -12.19 7.82
N GLN B 454 17.82 -12.50 6.53
CA GLN B 454 18.85 -11.96 5.64
C GLN B 454 18.74 -10.44 5.52
N LEU B 455 17.51 -9.92 5.44
CA LEU B 455 17.32 -8.47 5.45
C LEU B 455 17.87 -7.84 6.73
N LYS B 456 17.58 -8.45 7.87
CA LYS B 456 18.09 -7.95 9.16
C LYS B 456 19.61 -7.92 9.17
N ALA B 457 20.25 -9.00 8.71
CA ALA B 457 21.70 -9.06 8.65
C ALA B 457 22.30 -8.00 7.72
N LEU B 458 21.66 -7.76 6.57
CA LEU B 458 22.11 -6.70 5.68
C LEU B 458 22.01 -5.31 6.32
N LEU B 459 20.86 -5.01 6.93
CA LEU B 459 20.61 -3.65 7.39
C LEU B 459 21.15 -3.38 8.79
N ASP B 460 21.22 -4.41 9.64
CA ASP B 460 21.73 -4.28 11.00
C ASP B 460 22.57 -5.50 11.33
N PRO B 461 23.76 -5.62 10.72
CA PRO B 461 24.59 -6.80 10.97
C PRO B 461 25.02 -6.98 12.42
N LYS B 462 25.15 -5.90 13.19
CA LYS B 462 25.44 -6.04 14.61
C LYS B 462 24.21 -6.37 15.44
N GLY B 463 23.00 -6.21 14.89
CA GLY B 463 21.79 -6.54 15.62
C GLY B 463 21.55 -5.65 16.83
N ILE B 464 22.04 -4.41 16.81
CA ILE B 464 21.83 -3.50 17.93
C ILE B 464 20.42 -2.90 18.00
N LEU B 465 19.65 -2.96 16.92
CA LEU B 465 18.31 -2.39 16.90
C LEU B 465 17.30 -3.44 17.33
N ASN B 466 16.66 -3.20 18.48
CA ASN B 466 15.62 -4.06 19.01
C ASN B 466 15.98 -5.54 18.96
N PRO B 467 17.05 -5.95 19.65
CA PRO B 467 17.35 -7.38 19.78
C PRO B 467 16.23 -8.12 20.48
N TYR B 468 16.24 -9.45 20.34
CA TYR B 468 15.26 -10.37 20.93
C TYR B 468 13.89 -10.21 20.29
N LYS B 469 13.81 -9.46 19.21
CA LYS B 469 12.61 -9.22 18.43
C LYS B 469 13.07 -9.29 16.99
N THR B 470 12.18 -9.15 16.01
CA THR B 470 10.77 -9.50 16.04
C THR B 470 10.68 -10.70 15.10
N LEU B 471 11.86 -11.25 14.80
CA LEU B 471 12.05 -12.45 14.00
C LEU B 471 12.36 -13.63 14.91
N PRO B 472 12.22 -14.86 14.41
CA PRO B 472 12.49 -16.04 15.26
C PRO B 472 13.93 -16.11 15.73
N SER B 473 14.10 -16.83 16.85
CA SER B 473 15.40 -17.01 17.49
C SER B 473 16.38 -17.77 16.60
PA FAD C . 6.09 -6.40 -19.56
O1A FAD C . 6.16 -7.69 -20.27
O2A FAD C . 6.10 -5.16 -20.46
O5B FAD C . 7.22 -6.28 -18.45
C5B FAD C . 7.56 -5.00 -17.88
C4B FAD C . 8.71 -5.14 -16.90
O4B FAD C . 8.32 -5.99 -15.80
C3B FAD C . 9.99 -5.75 -17.46
O3B FAD C . 11.12 -5.21 -16.79
C2B FAD C . 9.81 -7.24 -17.16
O2B FAD C . 11.06 -7.90 -17.02
C1B FAD C . 9.05 -7.20 -15.83
N9A FAD C . 8.11 -8.30 -15.62
C8A FAD C . 7.01 -8.59 -16.38
N7A FAD C . 6.33 -9.63 -15.97
C5A FAD C . 7.04 -10.05 -14.84
C6A FAD C . 6.84 -11.11 -13.94
N6A FAD C . 5.83 -11.98 -14.02
N1A FAD C . 7.73 -11.26 -12.93
C2A FAD C . 8.75 -10.39 -12.84
N3A FAD C . 9.04 -9.35 -13.64
C4A FAD C . 8.14 -9.25 -14.63
N1 FAD C . 1.39 1.93 -17.14
C2 FAD C . 0.84 2.57 -16.06
O2 FAD C . 1.40 2.56 -14.96
N3 FAD C . -0.36 3.23 -16.20
C4 FAD C . -1.10 3.33 -17.35
O4 FAD C . -2.17 3.96 -17.36
C4X FAD C . -0.52 2.64 -18.48
N5 FAD C . -1.16 2.68 -19.62
C5X FAD C . -0.61 2.04 -20.70
C6 FAD C . -1.29 2.07 -21.92
C7 FAD C . -0.77 1.44 -23.05
C7M FAD C . -1.54 1.50 -24.35
C8 FAD C . 0.44 0.74 -22.96
C8M FAD C . 1.02 0.04 -24.15
C9 FAD C . 1.12 0.70 -21.74
C9A FAD C . 0.61 1.33 -20.63
N10 FAD C . 1.27 1.31 -19.38
C10 FAD C . 0.73 1.97 -18.29
C1' FAD C . 2.56 0.61 -19.24
C2' FAD C . 2.55 -0.49 -18.18
O2' FAD C . 3.76 -0.45 -17.41
C3' FAD C . 2.42 -1.86 -18.85
O3' FAD C . 1.36 -1.80 -19.80
C4' FAD C . 2.16 -2.96 -17.83
O4' FAD C . 2.04 -2.39 -16.53
C5' FAD C . 3.23 -4.03 -17.84
O5' FAD C . 2.63 -5.30 -18.16
P FAD C . 3.30 -6.27 -19.21
O1P FAD C . 2.67 -7.65 -19.04
O2P FAD C . 3.28 -5.66 -20.56
O3P FAD C . 4.78 -6.34 -18.66
ZN ZN D . -0.91 6.48 -17.47
C1 MLT E . -1.45 6.56 -20.20
O1 MLT E . -1.93 6.86 -21.31
O2 MLT E . -2.00 7.04 -19.17
C2 MLT E . -0.24 5.60 -20.09
O3 MLT E . 0.63 5.94 -19.02
C3 MLT E . 0.47 5.57 -21.44
C4 MLT E . 1.24 6.80 -21.92
O4 MLT E . 1.89 6.80 -23.01
O5 MLT E . 1.23 7.83 -21.19
PA FAD F . 5.53 1.94 20.60
O1A FAD F . 6.27 3.00 21.32
O2A FAD F . 4.57 1.13 21.49
O5B FAD F . 6.48 0.97 19.83
C5B FAD F . 5.97 -0.16 19.09
C4B FAD F . 7.08 -0.81 18.31
O4B FAD F . 7.51 0.06 17.24
C3B FAD F . 8.34 -1.16 19.09
O3B FAD F . 8.91 -2.37 18.63
C2B FAD F . 9.23 0.06 18.85
O2B FAD F . 10.62 -0.26 18.95
C1B FAD F . 8.87 0.43 17.42
N9A FAD F . 8.98 1.86 17.11
C8A FAD F . 8.34 2.89 17.74
N7A FAD F . 8.63 4.08 17.26
C5A FAD F . 9.52 3.81 16.24
C6A FAD F . 10.19 4.63 15.32
N6A FAD F . 10.07 5.97 15.30
N1A FAD F . 11.01 4.04 14.42
C2A FAD F . 11.13 2.71 14.44
N3A FAD F . 10.55 1.83 15.25
C4A FAD F . 9.75 2.44 16.13
N1 FAD F . -2.96 -1.31 16.96
C2 FAD F . -3.58 -1.45 15.76
O2 FAD F . -3.00 -1.92 14.78
N3 FAD F . -4.90 -1.07 15.63
C4 FAD F . -5.70 -0.53 16.61
O4 FAD F . -6.86 -0.23 16.37
C4X FAD F . -5.01 -0.38 17.89
N5 FAD F . -5.70 0.13 18.87
C5X FAD F . -5.06 0.26 20.10
C6 FAD F . -5.78 0.81 21.16
C7 FAD F . -5.19 0.97 22.41
C7M FAD F . -6.00 1.56 23.54
C8 FAD F . -3.85 0.60 22.60
C8M FAD F . -3.19 0.77 23.94
C9 FAD F . -3.12 0.06 21.54
C9A FAD F . -3.72 -0.11 20.29
N10 FAD F . -3.01 -0.63 19.19
C10 FAD F . -3.64 -0.80 17.97
C1' FAD F . -1.60 -1.06 19.35
C2' FAD F . -0.64 -0.36 18.39
O2' FAD F . 0.45 -1.23 18.04
C3' FAD F . -0.08 0.90 19.05
O3' FAD F . -1.15 1.63 19.65
C4' FAD F . 0.66 1.79 18.06
O4' FAD F . 0.45 1.29 16.73
C5' FAD F . 2.15 1.85 18.33
O5' FAD F . 2.54 3.24 18.46
P FAD F . 3.56 3.69 19.56
O1P FAD F . 4.18 5.03 19.16
O2P FAD F . 2.94 3.61 20.90
O3P FAD F . 4.68 2.57 19.42
ZN ZN G . -7.74 -3.25 16.58
C1 MLT H . -8.49 -2.38 19.28
O1 MLT H . -9.03 -2.53 18.14
O2 MLT H . -9.22 -2.02 20.22
C2 MLT H . -6.98 -2.63 19.50
O3 MLT H . -6.43 -3.58 18.61
C3 MLT H . -6.75 -3.01 20.94
C4 MLT H . -7.17 -4.39 21.45
O4 MLT H . -7.02 -4.74 22.67
O5 MLT H . -7.67 -5.19 20.62
#